data_6EE3
#
_entry.id   6EE3
#
_cell.length_a   74.960
_cell.length_b   108.601
_cell.length_c   118.160
_cell.angle_alpha   90.000
_cell.angle_beta   90.000
_cell.angle_gamma   90.000
#
_symmetry.space_group_name_H-M   'P 21 21 21'
#
loop_
_entity.id
_entity.type
_entity.pdbx_description
1 polymer 'M1 family aminopeptidase'
2 non-polymer 'ZINC ION'
3 non-polymer "(1R,2r,3S,5R,7R)-N-[(1R)-2-(hydroxyamino)-2-oxo-1-(3',4',5'-trifluoro[1,1'-biphenyl]-4-yl)ethyl]tricyclo[3.3.1.1~3,7~]decane-2-carboxamide"
4 non-polymer 'PHOSPHATE ION'
5 non-polymer GLYCEROL
6 non-polymer 'MAGNESIUM ION'
7 water water
#
_entity_poly.entity_id   1
_entity_poly.type   'polypeptide(L)'
_entity_poly.pdbx_seq_one_letter_code
;PKIHYRKDYKPSGFIINQVTLNINIHDQETIVRSVLDMDISKHNVGEDLVFDGVGLKINEISINNKKLVEGEEYTYDNEF
LTIFSKFVPKSKFAFSSEVIIHPETNYALTGLYKSKNIIVSQCEATGFRRITFFIDRPDMMAKYDVTVTADKEKYPVLLS
NGDKVNEFEIPGGRHGARFNDPPLKPCYLFAVVAGDLKHLSATYITKYTKKKVELYVFSEEKYVSKLQWALECLKKSMAF
DEDYFGLEYDLSRLNLVAVSDFNVGAMENKGLNIFNANSLLASKKNSIDFSYARILTVVGHEYFHQYTGNRVTLRDWFQL
TLKEGLTVHRENLFSEEMTKTVTTRLSHVDLLRSVQFLEDSSPLSHPIRPESYVSMENFYTTTVYDKGSEVMRMYLTILG
EEYYKKGFDIYIKKNDGNTATCEDFNYAMEQAYKMKKADNSANLNQYLLWFSQSGTPHVSFKYNYDAEKKQYSIHVNQYT
KPDENQKEKKPLFIPISVGLINPENGKEMISQTTLELTKESDTFVFNNIAVKPIPSLFRGFSAPVYIEDQLTDEERILLL
KYDSDAFVRYNSCTNIYMKQILMNYNEFLKAKNEKLESFQLTPVNAQFIDAIKYLLEDPHADAGFKSYIVSLPQDRYIIN
FVSNLDTDVLADTKEYIYKQIGDKLNDVYYKMFKSLEAKADDLTYFNDESHVDFDQMNMRTLRNTLLSLLSKAQYPNILN
EIIEHSKSPYPSNWLTSLSVSAYFDKYFELYDKTYKLSKDDELLLQEWLKTVSRSDRKDIYEILKKLENEVLKDSKNPND
IRAVYLPFTNNLRRFHDISGKGYKLIAEVITKTDKFNPMVATQLCEPFKLWNKLDTKRQELMLNEMNTMLQEPQISNNLK
EYLLRLTNK
;
_entity_poly.pdbx_strand_id   A
#
# COMPACT_ATOMS: atom_id res chain seq x y z
N PRO A 1 -17.87 19.04 12.13
CA PRO A 1 -17.30 18.10 11.16
C PRO A 1 -18.27 17.76 10.03
N LYS A 2 -18.05 18.27 8.82
CA LYS A 2 -18.96 17.95 7.73
C LYS A 2 -18.80 16.49 7.34
N ILE A 3 -19.90 15.74 7.35
CA ILE A 3 -19.88 14.36 6.85
C ILE A 3 -20.39 14.31 5.43
N HIS A 4 -19.61 13.74 4.52
CA HIS A 4 -20.05 13.59 3.15
C HIS A 4 -20.61 12.19 2.93
N TYR A 5 -21.76 12.11 2.27
CA TYR A 5 -22.41 10.81 2.03
C TYR A 5 -22.42 10.43 0.56
N ARG A 6 -22.07 9.17 0.28
CA ARG A 6 -22.05 8.66 -1.08
C ARG A 6 -23.37 8.89 -1.78
N LYS A 7 -24.46 8.61 -1.07
CA LYS A 7 -25.81 8.73 -1.62
C LYS A 7 -26.18 10.16 -2.04
N ASP A 8 -25.42 11.15 -1.57
CA ASP A 8 -25.79 12.53 -1.81
C ASP A 8 -25.17 13.12 -3.08
N TYR A 9 -24.42 12.32 -3.83
CA TYR A 9 -23.77 12.86 -5.05
C TYR A 9 -24.77 13.54 -5.98
N LYS A 10 -24.44 14.76 -6.37
CA LYS A 10 -25.20 15.45 -7.41
C LYS A 10 -24.26 16.30 -8.23
N PRO A 11 -24.46 16.36 -9.55
CA PRO A 11 -23.58 17.20 -10.39
C PRO A 11 -23.64 18.67 -9.99
N SER A 12 -22.55 19.40 -10.21
CA SER A 12 -22.46 20.82 -9.88
C SER A 12 -23.38 21.68 -10.74
N GLY A 13 -23.86 22.79 -10.18
CA GLY A 13 -24.55 23.81 -10.95
C GLY A 13 -23.64 24.63 -11.84
N PHE A 14 -22.34 24.34 -11.78
CA PHE A 14 -21.36 25.10 -12.54
C PHE A 14 -20.45 24.20 -13.38
N ILE A 15 -19.79 24.84 -14.35
CA ILE A 15 -18.82 24.17 -15.21
C ILE A 15 -17.55 25.03 -15.23
N ILE A 16 -16.40 24.37 -15.19
CA ILE A 16 -15.12 25.07 -15.36
C ILE A 16 -14.47 24.48 -16.60
N ASN A 17 -14.35 25.28 -17.65
CA ASN A 17 -13.90 24.74 -18.92
C ASN A 17 -12.40 24.90 -19.12
N GLN A 18 -11.86 26.02 -18.63
CA GLN A 18 -10.46 26.33 -18.81
C GLN A 18 -9.88 26.95 -17.54
N VAL A 19 -8.69 26.50 -17.18
CA VAL A 19 -7.90 27.06 -16.08
C VAL A 19 -6.65 27.68 -16.65
N THR A 20 -6.39 28.95 -16.34
CA THR A 20 -5.16 29.59 -16.80
C THR A 20 -4.47 30.10 -15.57
N LEU A 21 -3.31 29.52 -15.27
CA LEU A 21 -2.58 29.85 -14.05
C LEU A 21 -1.27 30.56 -14.32
N ASN A 22 -0.95 31.50 -13.45
CA ASN A 22 0.39 32.07 -13.32
C ASN A 22 0.84 31.87 -11.87
N ILE A 23 1.88 31.07 -11.68
CA ILE A 23 2.40 30.73 -10.35
C ILE A 23 3.79 31.37 -10.27
N ASN A 24 3.89 32.42 -9.44
CA ASN A 24 5.11 33.22 -9.35
C ASN A 24 5.76 32.98 -8.01
N ILE A 25 6.81 32.17 -8.03
CA ILE A 25 7.49 31.76 -6.80
C ILE A 25 8.48 32.82 -6.35
N HIS A 26 8.30 33.35 -5.14
CA HIS A 26 9.25 34.33 -4.62
C HIS A 26 9.87 33.84 -3.32
N ASP A 27 10.83 34.59 -2.79
CA ASP A 27 11.62 34.13 -1.64
C ASP A 27 10.75 33.87 -0.42
N GLN A 28 9.86 34.80 -0.12
CA GLN A 28 9.08 34.69 1.10
C GLN A 28 7.63 34.28 0.88
N GLU A 29 7.21 34.18 -0.39
CA GLU A 29 5.80 33.90 -0.72
C GLU A 29 5.67 33.50 -2.18
N THR A 30 4.56 32.87 -2.51
CA THR A 30 4.26 32.53 -3.90
C THR A 30 2.91 33.17 -4.25
N ILE A 31 2.87 33.88 -5.35
CA ILE A 31 1.65 34.57 -5.78
C ILE A 31 1.00 33.74 -6.88
N VAL A 32 -0.28 33.44 -6.73
CA VAL A 32 -0.94 32.59 -7.70
C VAL A 32 -2.07 33.39 -8.34
N ARG A 33 -1.97 33.61 -9.64
CA ARG A 33 -3.04 34.26 -10.40
C ARG A 33 -3.74 33.22 -11.23
N SER A 34 -5.07 33.26 -11.22
CA SER A 34 -5.85 32.26 -11.88
C SER A 34 -7.07 32.85 -12.57
N VAL A 35 -7.26 32.48 -13.83
CA VAL A 35 -8.49 32.82 -14.55
C VAL A 35 -9.25 31.56 -14.87
N LEU A 36 -10.50 31.47 -14.43
CA LEU A 36 -11.34 30.31 -14.68
C LEU A 36 -12.41 30.67 -15.69
N ASP A 37 -12.45 29.97 -16.82
CA ASP A 37 -13.51 30.22 -17.80
C ASP A 37 -14.63 29.27 -17.46
N MET A 38 -15.76 29.83 -17.09
CA MET A 38 -16.82 29.07 -16.45
C MET A 38 -18.11 29.18 -17.19
N ASP A 39 -19.05 28.33 -16.82
CA ASP A 39 -20.37 28.33 -17.40
C ASP A 39 -21.36 27.86 -16.35
N ILE A 40 -22.64 27.98 -16.67
CA ILE A 40 -23.72 27.52 -15.81
C ILE A 40 -24.20 26.14 -16.32
N SER A 41 -24.25 25.12 -15.48
CA SER A 41 -24.70 23.80 -15.95
C SER A 41 -26.22 23.65 -15.94
N LYS A 42 -26.70 22.59 -16.58
CA LYS A 42 -28.14 22.33 -16.64
C LYS A 42 -28.70 22.02 -15.25
N HIS A 43 -27.81 21.80 -14.29
CA HIS A 43 -28.24 21.48 -12.93
C HIS A 43 -28.36 22.67 -12.01
N ASN A 44 -27.93 23.83 -12.49
CA ASN A 44 -27.94 25.06 -11.70
C ASN A 44 -29.35 25.44 -11.25
N VAL A 45 -29.51 25.87 -10.00
CA VAL A 45 -30.80 26.36 -9.50
C VAL A 45 -30.70 27.77 -8.91
N GLY A 46 -29.78 28.57 -9.43
CA GLY A 46 -29.55 29.92 -8.95
C GLY A 46 -28.81 30.01 -7.63
N GLU A 47 -28.10 28.94 -7.27
CA GLU A 47 -27.35 28.90 -6.02
C GLU A 47 -26.19 29.91 -6.03
N ASP A 48 -25.70 30.26 -4.82
CA ASP A 48 -24.46 31.01 -4.71
C ASP A 48 -23.36 30.24 -5.41
N LEU A 49 -22.35 30.97 -5.89
CA LEU A 49 -21.16 30.34 -6.43
C LEU A 49 -20.18 30.15 -5.29
N VAL A 50 -19.91 28.89 -4.94
CA VAL A 50 -19.01 28.61 -3.83
C VAL A 50 -17.78 27.86 -4.31
N PHE A 51 -16.62 28.45 -4.07
CA PHE A 51 -15.36 27.81 -4.34
C PHE A 51 -14.74 27.25 -3.07
N ASP A 52 -14.09 26.11 -3.19
CA ASP A 52 -13.10 25.70 -2.21
C ASP A 52 -11.88 26.58 -2.30
N GLY A 53 -11.38 26.98 -1.17
CA GLY A 53 -10.18 27.74 -1.02
C GLY A 53 -9.69 27.69 0.42
N VAL A 54 -8.58 27.02 0.68
CA VAL A 54 -8.14 26.82 2.06
C VAL A 54 -6.83 27.54 2.33
N GLY A 55 -6.81 28.43 3.33
CA GLY A 55 -5.58 29.09 3.72
C GLY A 55 -5.02 30.05 2.68
N LEU A 56 -5.89 30.59 1.83
CA LEU A 56 -5.46 31.51 0.77
C LEU A 56 -5.53 32.94 1.25
N LYS A 57 -4.56 33.76 0.86
CA LYS A 57 -4.62 35.20 1.20
C LYS A 57 -5.06 35.92 -0.06
N ILE A 58 -6.24 36.53 -0.01
CA ILE A 58 -6.82 37.15 -1.21
C ILE A 58 -6.22 38.52 -1.47
N ASN A 59 -5.66 38.72 -2.66
CA ASN A 59 -5.29 40.07 -3.09
C ASN A 59 -6.43 40.72 -3.80
N GLU A 60 -6.99 40.02 -4.78
CA GLU A 60 -8.23 40.47 -5.38
C GLU A 60 -8.96 39.33 -6.07
N ILE A 61 -10.28 39.51 -6.25
CA ILE A 61 -11.05 38.58 -7.06
C ILE A 61 -11.97 39.38 -7.98
N SER A 62 -12.23 38.84 -9.17
CA SER A 62 -13.04 39.55 -10.15
C SER A 62 -13.96 38.59 -10.89
N ILE A 63 -15.03 39.15 -11.44
CA ILE A 63 -15.85 38.40 -12.40
C ILE A 63 -15.96 39.24 -13.66
N ASN A 64 -15.56 38.67 -14.80
CA ASN A 64 -15.54 39.42 -16.06
C ASN A 64 -14.75 40.72 -15.93
N ASN A 65 -13.61 40.62 -15.25
CA ASN A 65 -12.69 41.73 -15.03
C ASN A 65 -13.26 42.86 -14.22
N LYS A 66 -14.35 42.61 -13.49
CA LYS A 66 -14.86 43.61 -12.55
C LYS A 66 -14.50 43.15 -11.15
N LYS A 67 -13.74 43.97 -10.43
CA LYS A 67 -13.27 43.63 -9.09
C LYS A 67 -14.46 43.47 -8.14
N LEU A 68 -14.49 42.39 -7.38
CA LEU A 68 -15.56 42.20 -6.42
C LEU A 68 -15.17 42.76 -5.07
N VAL A 69 -16.16 43.16 -4.27
CA VAL A 69 -15.87 43.76 -2.97
C VAL A 69 -16.30 42.81 -1.87
N GLU A 70 -15.38 42.59 -0.93
CA GLU A 70 -15.63 41.75 0.23
C GLU A 70 -16.78 42.28 1.09
N GLY A 71 -17.58 41.37 1.63
CA GLY A 71 -18.74 41.74 2.42
C GLY A 71 -19.97 41.90 1.56
N GLU A 72 -19.86 42.74 0.54
CA GLU A 72 -21.01 43.10 -0.29
C GLU A 72 -21.31 42.02 -1.33
N GLU A 73 -20.27 41.60 -2.05
CA GLU A 73 -20.46 40.66 -3.15
C GLU A 73 -19.91 39.27 -2.85
N TYR A 74 -18.99 39.19 -1.90
CA TYR A 74 -18.48 37.87 -1.49
C TYR A 74 -18.03 37.85 -0.04
N THR A 75 -18.00 36.65 0.54
CA THR A 75 -17.34 36.42 1.82
C THR A 75 -16.35 35.25 1.67
N TYR A 76 -15.27 35.31 2.45
CA TYR A 76 -14.27 34.26 2.51
C TYR A 76 -13.98 33.92 3.98
N ASP A 77 -14.04 32.65 4.34
CA ASP A 77 -13.84 32.24 5.73
C ASP A 77 -12.63 31.33 5.89
N ASN A 78 -11.69 31.41 4.94
CA ASN A 78 -10.47 30.58 4.89
C ASN A 78 -10.70 29.13 4.47
N GLU A 79 -11.93 28.80 4.07
CA GLU A 79 -12.25 27.45 3.60
C GLU A 79 -13.11 27.48 2.34
N PHE A 80 -14.08 28.39 2.35
CA PHE A 80 -14.98 28.61 1.23
C PHE A 80 -15.05 30.08 0.85
N LEU A 81 -14.99 30.33 -0.44
CA LEU A 81 -15.24 31.64 -1.03
C LEU A 81 -16.66 31.57 -1.57
N THR A 82 -17.53 32.43 -1.05
CA THR A 82 -18.92 32.46 -1.46
C THR A 82 -19.21 33.74 -2.23
N ILE A 83 -19.59 33.60 -3.50
CA ILE A 83 -20.07 34.74 -4.25
C ILE A 83 -21.59 34.65 -4.36
N PHE A 84 -22.26 35.66 -3.81
CA PHE A 84 -23.72 35.69 -3.73
C PHE A 84 -24.30 35.62 -5.13
N SER A 85 -25.34 34.81 -5.26
CA SER A 85 -25.85 34.42 -6.56
C SER A 85 -26.27 35.61 -7.41
N LYS A 86 -26.75 36.67 -6.78
CA LYS A 86 -27.15 37.86 -7.55
C LYS A 86 -25.96 38.49 -8.30
N PHE A 87 -24.73 38.07 -7.98
CA PHE A 87 -23.56 38.64 -8.65
C PHE A 87 -22.92 37.63 -9.59
N VAL A 88 -23.52 36.46 -9.69
CA VAL A 88 -23.01 35.40 -10.56
C VAL A 88 -23.72 35.52 -11.90
N PRO A 89 -22.95 35.56 -13.01
CA PRO A 89 -23.52 35.68 -14.36
C PRO A 89 -24.40 34.50 -14.74
N LYS A 90 -25.25 34.66 -15.75
CA LYS A 90 -26.16 33.56 -16.05
C LYS A 90 -25.73 32.80 -17.32
N SER A 91 -24.63 33.23 -17.92
CA SER A 91 -24.04 32.54 -19.06
C SER A 91 -22.52 32.46 -18.86
N LYS A 92 -21.78 32.04 -19.89
CA LYS A 92 -20.33 31.90 -19.78
C LYS A 92 -19.66 33.15 -19.22
N PHE A 93 -18.83 32.98 -18.20
CA PHE A 93 -18.17 34.10 -17.57
C PHE A 93 -16.76 33.69 -17.18
N ALA A 94 -15.94 34.71 -16.91
CA ALA A 94 -14.58 34.51 -16.43
C ALA A 94 -14.49 34.86 -14.94
N PHE A 95 -13.99 33.94 -14.12
CA PHE A 95 -13.69 34.28 -12.73
C PHE A 95 -12.19 34.39 -12.57
N SER A 96 -11.72 35.48 -11.95
CA SER A 96 -10.29 35.60 -11.77
C SER A 96 -9.94 35.91 -10.31
N SER A 97 -8.75 35.51 -9.90
CA SER A 97 -8.28 35.78 -8.56
C SER A 97 -6.77 35.84 -8.51
N GLU A 98 -6.27 36.55 -7.50
CA GLU A 98 -4.86 36.51 -7.17
C GLU A 98 -4.73 36.29 -5.68
N VAL A 99 -4.02 35.23 -5.31
CA VAL A 99 -3.86 34.90 -3.92
C VAL A 99 -2.39 34.71 -3.57
N ILE A 100 -2.11 34.69 -2.28
CA ILE A 100 -0.77 34.48 -1.80
C ILE A 100 -0.74 33.23 -0.92
N ILE A 101 0.26 32.38 -1.15
CA ILE A 101 0.45 31.16 -0.38
C ILE A 101 1.92 31.10 0.00
N HIS A 102 2.26 30.14 0.86
CA HIS A 102 3.60 30.14 1.47
C HIS A 102 4.17 28.71 1.55
N PRO A 103 4.67 28.20 0.42
CA PRO A 103 5.16 26.82 0.37
C PRO A 103 6.27 26.53 1.35
N GLU A 104 7.10 27.53 1.65
CA GLU A 104 8.21 27.35 2.59
C GLU A 104 7.77 26.83 3.96
N THR A 105 6.59 27.23 4.43
CA THR A 105 6.18 26.87 5.78
C THR A 105 5.04 25.86 5.77
N ASN A 106 4.81 25.26 4.59
CA ASN A 106 3.74 24.29 4.41
C ASN A 106 4.26 22.89 4.77
N TYR A 107 4.35 22.62 6.06
CA TYR A 107 4.92 21.36 6.53
C TYR A 107 3.95 20.18 6.49
N ALA A 108 2.68 20.43 6.12
CA ALA A 108 1.72 19.34 5.99
C ALA A 108 1.86 18.61 4.63
N LEU A 109 2.63 19.20 3.71
CA LEU A 109 3.01 18.54 2.43
C LEU A 109 1.77 18.25 1.58
N THR A 110 0.81 19.16 1.66
CA THR A 110 -0.37 19.11 0.81
C THR A 110 -0.58 20.50 0.20
N GLY A 111 -1.02 20.54 -1.06
CA GLY A 111 -1.02 21.81 -1.77
C GLY A 111 0.35 22.08 -2.37
N LEU A 112 0.82 23.33 -2.30
CA LEU A 112 2.15 23.65 -2.81
C LEU A 112 3.14 23.79 -1.67
N TYR A 113 4.24 23.04 -1.71
CA TYR A 113 5.14 23.08 -0.59
C TYR A 113 6.59 22.94 -1.00
N LYS A 114 7.48 23.12 -0.03
CA LYS A 114 8.90 23.06 -0.33
C LYS A 114 9.46 21.82 0.37
N SER A 115 10.18 21.00 -0.39
CA SER A 115 10.87 19.83 0.15
C SER A 115 12.35 20.02 -0.12
N LYS A 116 13.10 20.29 0.94
CA LYS A 116 14.51 20.63 0.83
C LYS A 116 14.61 21.88 -0.06
N ASN A 117 15.20 21.78 -1.25
CA ASN A 117 15.26 22.96 -2.13
C ASN A 117 14.38 22.84 -3.37
N ILE A 118 13.41 21.93 -3.32
CA ILE A 118 12.48 21.72 -4.42
C ILE A 118 11.06 22.19 -4.04
N ILE A 119 10.44 22.96 -4.93
CA ILE A 119 9.04 23.38 -4.79
C ILE A 119 8.19 22.34 -5.50
N VAL A 120 7.16 21.83 -4.84
CA VAL A 120 6.46 20.69 -5.42
C VAL A 120 5.03 20.73 -4.92
N SER A 121 4.09 20.24 -5.71
CA SER A 121 2.69 20.18 -5.29
C SER A 121 2.25 18.77 -4.97
N GLN A 122 1.18 18.67 -4.19
CA GLN A 122 0.43 17.42 -4.00
C GLN A 122 -1.04 17.77 -3.85
N CYS A 123 -1.81 17.47 -4.89
CA CYS A 123 -3.19 17.92 -4.92
C CYS A 123 -4.21 16.84 -4.60
N GLU A 124 -3.91 15.55 -4.86
CA GLU A 124 -4.88 14.54 -4.43
C GLU A 124 -4.94 14.52 -2.90
N ALA A 125 -6.14 14.47 -2.30
CA ALA A 125 -7.42 14.46 -2.98
C ALA A 125 -7.98 15.85 -3.15
N THR A 126 -7.94 16.65 -2.09
CA THR A 126 -8.50 17.99 -2.14
C THR A 126 -7.44 19.04 -1.75
N GLY A 127 -6.26 18.92 -2.34
CA GLY A 127 -5.17 19.85 -2.10
C GLY A 127 -5.08 20.99 -3.12
N PHE A 128 -5.74 20.89 -4.28
CA PHE A 128 -5.67 21.97 -5.28
C PHE A 128 -6.26 23.26 -4.66
N ARG A 129 -7.27 23.12 -3.79
CA ARG A 129 -7.91 24.28 -3.15
C ARG A 129 -6.98 25.04 -2.21
N ARG A 130 -5.81 24.44 -1.92
CA ARG A 130 -4.78 25.09 -1.11
C ARG A 130 -3.83 25.89 -1.98
N ILE A 131 -4.02 25.81 -3.30
CA ILE A 131 -3.19 26.55 -4.25
C ILE A 131 -3.99 27.72 -4.85
N THR A 132 -5.24 27.46 -5.22
CA THR A 132 -6.11 28.51 -5.72
C THR A 132 -7.57 28.13 -5.54
N PHE A 133 -8.48 29.08 -5.78
CA PHE A 133 -9.91 28.76 -5.65
C PHE A 133 -10.33 27.78 -6.72
N PHE A 134 -11.21 26.85 -6.39
CA PHE A 134 -11.66 25.90 -7.40
C PHE A 134 -12.88 25.18 -6.86
N ILE A 135 -13.65 24.55 -7.74
CA ILE A 135 -14.66 23.62 -7.28
C ILE A 135 -13.96 22.27 -7.25
N ASP A 136 -13.38 21.98 -6.11
CA ASP A 136 -12.32 20.98 -5.98
C ASP A 136 -12.90 19.57 -5.79
N ARG A 137 -13.32 19.00 -6.90
CA ARG A 137 -13.92 17.64 -6.93
C ARG A 137 -13.63 17.09 -8.33
N PRO A 138 -13.41 15.77 -8.43
CA PRO A 138 -12.86 15.18 -9.68
C PRO A 138 -13.80 15.19 -10.88
N ASP A 139 -15.08 15.50 -10.71
CA ASP A 139 -15.95 15.55 -11.89
C ASP A 139 -15.96 16.94 -12.53
N MET A 140 -15.19 17.88 -11.98
CA MET A 140 -15.04 19.20 -12.59
C MET A 140 -13.84 19.20 -13.52
N MET A 141 -14.03 18.67 -14.72
CA MET A 141 -12.89 18.51 -15.63
C MET A 141 -12.66 19.74 -16.49
N ALA A 142 -11.39 20.06 -16.74
CA ALA A 142 -11.05 21.30 -17.41
C ALA A 142 -9.72 21.19 -18.13
N LYS A 143 -9.49 22.13 -19.03
CA LYS A 143 -8.19 22.30 -19.69
C LYS A 143 -7.33 23.24 -18.87
N TYR A 144 -6.01 23.04 -18.91
CA TYR A 144 -5.05 23.76 -18.06
C TYR A 144 -3.94 24.42 -18.89
N ASP A 145 -3.74 25.71 -18.66
CA ASP A 145 -2.68 26.48 -19.28
C ASP A 145 -1.91 27.09 -18.11
N VAL A 146 -0.69 26.60 -17.87
CA VAL A 146 -0.01 26.93 -16.63
C VAL A 146 1.35 27.57 -16.89
N THR A 147 1.58 28.74 -16.31
CA THR A 147 2.88 29.42 -16.39
C THR A 147 3.52 29.44 -15.00
N VAL A 148 4.77 29.04 -14.89
CA VAL A 148 5.48 29.09 -13.63
C VAL A 148 6.68 30.03 -13.79
N THR A 149 6.89 30.95 -12.85
CA THR A 149 8.10 31.76 -12.86
C THR A 149 8.81 31.70 -11.51
N ALA A 150 10.11 31.95 -11.54
CA ALA A 150 10.95 31.70 -10.36
C ALA A 150 12.36 32.23 -10.58
N ASP A 151 13.10 32.37 -9.48
CA ASP A 151 14.53 32.66 -9.57
C ASP A 151 15.25 31.60 -10.41
N LYS A 152 16.04 32.03 -11.39
CA LYS A 152 16.58 31.06 -12.33
C LYS A 152 17.71 30.25 -11.70
N GLU A 153 18.56 30.90 -10.91
CA GLU A 153 19.64 30.18 -10.24
C GLU A 153 19.12 29.14 -9.26
N LYS A 154 18.13 29.48 -8.45
CA LYS A 154 17.58 28.51 -7.50
C LYS A 154 16.70 27.45 -8.14
N TYR A 155 15.97 27.83 -9.19
CA TYR A 155 14.95 26.96 -9.75
C TYR A 155 15.07 26.83 -11.26
N PRO A 156 16.16 26.24 -11.76
CA PRO A 156 16.39 26.20 -13.21
C PRO A 156 15.45 25.27 -13.95
N VAL A 157 14.93 24.27 -13.25
CA VAL A 157 14.05 23.30 -13.88
C VAL A 157 12.62 23.57 -13.45
N LEU A 158 11.76 23.86 -14.43
CA LEU A 158 10.33 24.13 -14.22
C LEU A 158 9.48 23.09 -14.95
N LEU A 159 8.53 22.46 -14.25
CA LEU A 159 7.70 21.42 -14.87
C LEU A 159 6.24 21.56 -14.49
N SER A 160 5.36 21.24 -15.41
CA SER A 160 3.96 21.06 -15.06
C SER A 160 3.37 20.04 -16.04
N ASN A 161 2.06 19.87 -16.04
CA ASN A 161 1.46 18.94 -16.97
C ASN A 161 1.42 19.51 -18.39
N GLY A 162 1.42 18.63 -19.40
CA GLY A 162 1.22 19.06 -20.78
C GLY A 162 2.50 19.36 -21.51
N ASP A 163 2.40 20.03 -22.65
CA ASP A 163 3.59 20.37 -23.40
C ASP A 163 4.16 21.71 -22.95
N LYS A 164 5.47 21.76 -22.79
CA LYS A 164 6.12 23.03 -22.56
C LYS A 164 6.09 23.80 -23.86
N VAL A 165 5.41 24.95 -23.85
CA VAL A 165 5.23 25.67 -25.11
C VAL A 165 5.97 27.00 -25.16
N ASN A 166 6.42 27.50 -24.02
CA ASN A 166 7.30 28.66 -24.03
C ASN A 166 8.27 28.67 -22.85
N GLU A 167 9.46 29.21 -23.08
CA GLU A 167 10.44 29.45 -22.02
C GLU A 167 10.94 30.86 -22.17
N PHE A 168 11.05 31.61 -21.09
CA PHE A 168 11.43 33.01 -21.26
C PHE A 168 12.18 33.59 -20.08
N GLU A 169 12.99 34.62 -20.37
CA GLU A 169 13.75 35.31 -19.32
C GLU A 169 12.90 36.42 -18.71
N ILE A 170 13.17 36.73 -17.44
CA ILE A 170 12.45 37.76 -16.69
C ILE A 170 13.49 38.64 -15.99
N PRO A 171 13.28 39.96 -16.00
CA PRO A 171 14.22 40.85 -15.30
C PRO A 171 14.47 40.43 -13.86
N GLY A 172 15.69 40.67 -13.38
CA GLY A 172 15.97 40.47 -11.97
C GLY A 172 16.32 39.03 -11.64
N GLY A 173 16.85 38.32 -12.62
CA GLY A 173 17.33 36.95 -12.41
C GLY A 173 16.27 35.86 -12.46
N ARG A 174 15.10 36.16 -13.03
CA ARG A 174 13.99 35.21 -13.03
C ARG A 174 13.77 34.60 -14.42
N HIS A 175 13.01 33.52 -14.51
CA HIS A 175 12.66 32.95 -15.81
C HIS A 175 11.30 32.28 -15.67
N GLY A 176 10.65 32.04 -16.80
CA GLY A 176 9.32 31.47 -16.79
C GLY A 176 9.24 30.32 -17.78
N ALA A 177 8.25 29.44 -17.57
CA ALA A 177 7.92 28.40 -18.54
C ALA A 177 6.42 28.26 -18.57
N ARG A 178 5.87 28.11 -19.77
CA ARG A 178 4.44 27.92 -19.98
C ARG A 178 4.16 26.50 -20.47
N PHE A 179 3.19 25.85 -19.82
CA PHE A 179 2.79 24.49 -20.19
C PHE A 179 1.31 24.48 -20.60
N ASN A 180 0.98 23.93 -21.77
CA ASN A 180 -0.41 23.81 -22.13
C ASN A 180 -0.80 22.36 -22.18
N ASP A 181 -1.88 22.02 -21.49
CA ASP A 181 -2.34 20.61 -21.36
C ASP A 181 -3.81 20.54 -21.83
N PRO A 182 -4.02 20.40 -23.15
CA PRO A 182 -5.39 20.45 -23.70
C PRO A 182 -6.37 19.36 -23.25
N PRO A 183 -5.92 18.10 -23.04
CA PRO A 183 -6.96 17.14 -22.63
C PRO A 183 -7.58 17.50 -21.28
N LEU A 184 -8.88 17.27 -21.16
CA LEU A 184 -9.54 17.53 -19.90
C LEU A 184 -8.96 16.68 -18.77
N LYS A 185 -8.81 17.28 -17.60
CA LYS A 185 -8.44 16.52 -16.40
C LYS A 185 -9.10 17.11 -15.13
N PRO A 186 -9.29 16.26 -14.12
CA PRO A 186 -9.65 16.75 -12.79
C PRO A 186 -8.47 17.47 -12.10
N CYS A 187 -8.77 18.40 -11.19
CA CYS A 187 -7.70 19.23 -10.62
C CYS A 187 -6.76 18.42 -9.70
N TYR A 188 -7.14 17.23 -9.22
CA TYR A 188 -6.23 16.50 -8.31
C TYR A 188 -5.01 15.94 -9.11
N LEU A 189 -5.08 15.99 -10.45
CA LEU A 189 -3.97 15.54 -11.29
C LEU A 189 -3.07 16.67 -11.76
N PHE A 190 -3.42 17.91 -11.38
CA PHE A 190 -2.51 19.05 -11.58
C PHE A 190 -1.22 18.86 -10.77
N ALA A 191 -0.09 19.22 -11.37
CA ALA A 191 1.17 19.29 -10.62
C ALA A 191 2.10 20.38 -11.12
N VAL A 192 2.95 20.87 -10.24
CA VAL A 192 4.03 21.76 -10.64
C VAL A 192 5.25 21.39 -9.81
N VAL A 193 6.41 21.52 -10.42
CA VAL A 193 7.68 21.26 -9.77
C VAL A 193 8.66 22.33 -10.21
N ALA A 194 9.40 22.89 -9.26
CA ALA A 194 10.48 23.83 -9.58
C ALA A 194 11.69 23.48 -8.73
N GLY A 195 12.87 23.40 -9.35
CA GLY A 195 14.05 23.06 -8.58
C GLY A 195 15.31 22.93 -9.39
N ASP A 196 16.42 22.77 -8.70
CA ASP A 196 17.70 22.52 -9.36
C ASP A 196 17.83 21.00 -9.58
N LEU A 197 17.07 20.48 -10.53
CA LEU A 197 16.97 19.05 -10.74
C LEU A 197 17.90 18.54 -11.82
N LYS A 198 18.46 17.36 -11.58
CA LYS A 198 19.29 16.67 -12.56
C LYS A 198 18.50 15.46 -13.04
N HIS A 199 18.85 14.92 -14.21
CA HIS A 199 18.02 13.85 -14.79
C HIS A 199 18.80 12.77 -15.55
N LEU A 200 18.10 11.66 -15.78
CA LEU A 200 18.47 10.68 -16.80
C LEU A 200 17.30 10.64 -17.76
N SER A 201 17.55 10.31 -19.02
CA SER A 201 16.45 10.27 -19.99
C SER A 201 16.62 9.12 -20.96
N ALA A 202 15.52 8.74 -21.60
CA ALA A 202 15.53 7.75 -22.68
C ALA A 202 14.37 8.03 -23.63
N THR A 203 14.36 7.34 -24.76
CA THR A 203 13.22 7.42 -25.66
C THR A 203 12.60 6.04 -25.78
N TYR A 204 11.28 5.98 -25.66
CA TYR A 204 10.51 4.75 -25.81
C TYR A 204 9.64 4.87 -27.06
N ILE A 205 9.62 3.84 -27.90
CA ILE A 205 8.78 3.87 -29.09
C ILE A 205 7.59 2.93 -28.88
N THR A 206 6.37 3.44 -28.97
CA THR A 206 5.22 2.62 -28.62
C THR A 206 5.04 1.46 -29.60
N LYS A 207 4.29 0.46 -29.17
CA LYS A 207 4.25 -0.82 -29.86
C LYS A 207 3.48 -0.76 -31.19
N TYR A 208 2.38 -0.03 -31.20
CA TYR A 208 1.50 -0.05 -32.34
C TYR A 208 1.52 1.25 -33.13
N THR A 209 1.34 2.38 -32.45
CA THR A 209 1.36 3.67 -33.12
C THR A 209 2.79 4.12 -33.46
N LYS A 210 3.78 3.54 -32.79
CA LYS A 210 5.19 3.87 -33.02
C LYS A 210 5.48 5.33 -32.69
N LYS A 211 4.78 5.85 -31.69
CA LYS A 211 5.03 7.20 -31.21
C LYS A 211 6.30 7.22 -30.37
N LYS A 212 7.16 8.23 -30.60
CA LYS A 212 8.31 8.44 -29.71
C LYS A 212 7.91 9.11 -28.41
N VAL A 213 8.23 8.48 -27.28
CA VAL A 213 7.94 9.07 -25.99
C VAL A 213 9.23 9.39 -25.24
N GLU A 214 9.38 10.64 -24.82
CA GLU A 214 10.54 11.06 -24.03
C GLU A 214 10.29 10.71 -22.58
N LEU A 215 11.23 9.96 -21.98
CA LEU A 215 11.16 9.58 -20.59
C LEU A 215 12.23 10.33 -19.79
N TYR A 216 11.82 11.04 -18.75
CA TYR A 216 12.77 11.75 -17.90
C TYR A 216 12.57 11.36 -16.45
N VAL A 217 13.67 11.09 -15.76
CA VAL A 217 13.62 10.84 -14.33
C VAL A 217 14.54 11.84 -13.66
N PHE A 218 14.01 12.54 -12.65
CA PHE A 218 14.68 13.66 -12.01
C PHE A 218 14.94 13.43 -10.53
N SER A 219 16.04 13.97 -10.04
CA SER A 219 16.28 14.06 -8.59
C SER A 219 17.18 15.27 -8.31
N GLU A 220 17.40 15.57 -7.02
CA GLU A 220 18.47 16.51 -6.67
C GLU A 220 19.82 15.96 -7.13
N GLU A 221 20.77 16.85 -7.35
CA GLU A 221 22.06 16.52 -7.96
C GLU A 221 22.82 15.43 -7.22
N LYS A 222 22.76 15.48 -5.89
CA LYS A 222 23.50 14.54 -5.05
C LYS A 222 23.15 13.08 -5.35
N TYR A 223 21.89 12.83 -5.72
CA TYR A 223 21.43 11.46 -5.85
C TYR A 223 21.11 11.03 -7.29
N VAL A 224 21.57 11.81 -8.25
CA VAL A 224 21.25 11.55 -9.64
C VAL A 224 21.74 10.13 -10.09
N SER A 225 22.83 9.64 -9.49
CA SER A 225 23.31 8.29 -9.75
C SER A 225 22.37 7.15 -9.27
N LYS A 226 21.28 7.50 -8.62
CA LYS A 226 20.36 6.49 -8.09
C LYS A 226 19.10 6.39 -8.94
N LEU A 227 19.12 7.03 -10.12
CA LEU A 227 17.92 7.10 -10.95
C LEU A 227 17.77 5.94 -11.94
N GLN A 228 18.82 5.14 -12.15
CA GLN A 228 18.80 4.23 -13.30
C GLN A 228 17.75 3.13 -13.22
N TRP A 229 17.58 2.51 -12.06
CA TRP A 229 16.64 1.41 -11.99
C TRP A 229 15.22 1.91 -12.28
N ALA A 230 14.88 3.08 -11.75
CA ALA A 230 13.54 3.68 -11.99
C ALA A 230 13.24 3.82 -13.49
N LEU A 231 14.22 4.30 -14.25
CA LEU A 231 14.03 4.46 -15.69
C LEU A 231 13.80 3.12 -16.34
N GLU A 232 14.57 2.11 -15.95
CA GLU A 232 14.36 0.76 -16.47
C GLU A 232 12.95 0.27 -16.12
N CYS A 233 12.53 0.52 -14.87
CA CYS A 233 11.20 0.07 -14.47
C CYS A 233 10.10 0.74 -15.29
N LEU A 234 10.29 2.02 -15.62
CA LEU A 234 9.28 2.75 -16.38
C LEU A 234 9.16 2.12 -17.75
N LYS A 235 10.29 1.84 -18.39
CA LYS A 235 10.26 1.14 -19.67
C LYS A 235 9.52 -0.20 -19.57
N LYS A 236 9.81 -0.95 -18.51
CA LYS A 236 9.16 -2.24 -18.32
C LYS A 236 7.65 -2.08 -18.15
N SER A 237 7.25 -1.05 -17.44
CA SER A 237 5.83 -0.79 -17.20
C SER A 237 5.10 -0.51 -18.50
N MET A 238 5.68 0.37 -19.31
CA MET A 238 5.10 0.71 -20.61
C MET A 238 4.94 -0.52 -21.48
N ALA A 239 5.97 -1.36 -21.50
CA ALA A 239 5.92 -2.59 -22.30
C ALA A 239 4.84 -3.53 -21.80
N PHE A 240 4.67 -3.60 -20.48
CA PHE A 240 3.70 -4.55 -19.95
C PHE A 240 2.29 -4.12 -20.27
N ASP A 241 2.02 -2.83 -20.11
CA ASP A 241 0.67 -2.37 -20.43
C ASP A 241 0.37 -2.58 -21.91
N GLU A 242 1.39 -2.39 -22.75
CA GLU A 242 1.25 -2.70 -24.18
C GLU A 242 0.98 -4.18 -24.44
N ASP A 243 1.74 -5.04 -23.76
CA ASP A 243 1.73 -6.45 -24.08
C ASP A 243 0.53 -7.19 -23.50
N TYR A 244 0.17 -6.88 -22.26
CA TYR A 244 -0.95 -7.57 -21.64
C TYR A 244 -2.27 -6.91 -22.02
N PHE A 245 -2.30 -5.57 -21.95
CA PHE A 245 -3.57 -4.86 -22.09
C PHE A 245 -3.77 -4.15 -23.44
N GLY A 246 -2.75 -4.14 -24.28
CA GLY A 246 -2.79 -3.44 -25.55
C GLY A 246 -2.86 -1.92 -25.38
N LEU A 247 -2.38 -1.40 -24.26
CA LEU A 247 -2.52 0.03 -24.00
C LEU A 247 -1.17 0.75 -24.20
N GLU A 248 -1.19 1.82 -24.97
CA GLU A 248 0.00 2.66 -25.23
C GLU A 248 -0.12 4.04 -24.61
N TYR A 249 1.03 4.58 -24.23
CA TYR A 249 1.10 5.96 -23.77
C TYR A 249 0.84 6.86 -24.97
N ASP A 250 0.04 7.91 -24.79
CA ASP A 250 -0.29 8.79 -25.90
C ASP A 250 0.20 10.25 -25.73
N LEU A 251 0.99 10.53 -24.70
CA LEU A 251 1.61 11.85 -24.55
C LEU A 251 3.05 11.83 -25.05
N SER A 252 3.63 13.00 -25.32
CA SER A 252 4.97 13.09 -25.90
CA SER A 252 4.97 13.04 -25.91
C SER A 252 6.09 12.82 -24.87
N ARG A 253 5.76 13.02 -23.61
CA ARG A 253 6.79 12.98 -22.57
C ARG A 253 6.19 12.54 -21.23
N LEU A 254 6.96 11.74 -20.50
CA LEU A 254 6.58 11.39 -19.12
C LEU A 254 7.75 11.70 -18.18
N ASN A 255 7.48 12.52 -17.16
CA ASN A 255 8.48 12.89 -16.16
C ASN A 255 8.23 12.20 -14.82
N LEU A 256 9.28 11.64 -14.22
CA LEU A 256 9.22 11.12 -12.85
C LEU A 256 10.15 11.97 -11.99
N VAL A 257 9.64 12.45 -10.86
CA VAL A 257 10.45 13.34 -10.04
C VAL A 257 10.48 12.83 -8.60
N ALA A 258 11.69 12.68 -8.04
CA ALA A 258 11.86 12.28 -6.64
C ALA A 258 11.99 13.49 -5.72
N VAL A 259 11.25 13.49 -4.60
CA VAL A 259 11.41 14.52 -3.57
C VAL A 259 11.58 13.83 -2.22
N SER A 260 12.28 14.48 -1.29
CA SER A 260 12.63 13.87 -0.02
CA SER A 260 12.63 13.86 -0.02
C SER A 260 11.48 13.85 0.98
N ASP A 261 10.57 14.81 0.84
CA ASP A 261 9.48 14.95 1.81
C ASP A 261 8.15 14.64 1.16
N PHE A 262 7.55 13.51 1.51
CA PHE A 262 6.32 13.08 0.83
C PHE A 262 5.44 12.28 1.76
N ASN A 263 4.13 12.54 1.77
CA ASN A 263 3.28 11.87 2.76
C ASN A 263 3.08 10.37 2.48
N VAL A 264 3.17 9.97 1.21
CA VAL A 264 2.99 8.57 0.82
C VAL A 264 4.10 8.07 -0.10
N GLY A 265 3.77 7.12 -0.98
CA GLY A 265 4.77 6.58 -1.90
C GLY A 265 5.02 7.39 -3.18
N ALA A 266 3.95 7.70 -3.90
CA ALA A 266 4.05 8.48 -5.14
C ALA A 266 2.66 8.91 -5.61
N MET A 267 2.65 9.76 -6.62
CA MET A 267 1.42 10.37 -7.09
C MET A 267 1.40 10.42 -8.62
N GLU A 268 0.29 10.02 -9.23
CA GLU A 268 0.20 9.84 -10.69
C GLU A 268 -0.19 11.11 -11.50
N ASN A 269 0.26 12.28 -11.06
CA ASN A 269 -0.03 13.52 -11.80
C ASN A 269 0.28 13.35 -13.29
N LYS A 270 -0.64 13.77 -14.16
CA LYS A 270 -0.58 13.44 -15.58
C LYS A 270 0.73 13.95 -16.23
N GLY A 271 1.58 13.02 -16.70
CA GLY A 271 2.83 13.37 -17.36
C GLY A 271 3.96 13.81 -16.41
N LEU A 272 3.65 13.85 -15.11
CA LEU A 272 4.54 14.43 -14.09
C LEU A 272 4.35 13.69 -12.78
N ASN A 273 4.76 12.42 -12.77
CA ASN A 273 4.57 11.58 -11.58
C ASN A 273 5.60 11.99 -10.52
N ILE A 274 5.13 12.17 -9.30
CA ILE A 274 5.98 12.69 -8.23
C ILE A 274 6.09 11.61 -7.16
N PHE A 275 7.32 11.33 -6.72
CA PHE A 275 7.64 10.18 -5.89
C PHE A 275 8.29 10.59 -4.58
N ASN A 276 7.90 9.91 -3.50
CA ASN A 276 8.79 9.75 -2.34
C ASN A 276 10.16 9.25 -2.84
N ALA A 277 11.25 9.93 -2.50
CA ALA A 277 12.57 9.47 -2.93
C ALA A 277 12.81 7.99 -2.58
N ASN A 278 12.23 7.51 -1.48
CA ASN A 278 12.48 6.10 -1.13
C ASN A 278 11.76 5.13 -2.08
N SER A 279 10.91 5.65 -2.97
CA SER A 279 10.21 4.78 -3.91
C SER A 279 10.63 5.05 -5.34
N LEU A 280 11.71 5.80 -5.52
CA LEU A 280 12.24 6.05 -6.87
C LEU A 280 13.76 5.82 -6.99
N LEU A 281 14.49 6.11 -5.93
CA LEU A 281 15.95 6.11 -5.98
C LEU A 281 16.57 4.85 -5.35
N ALA A 282 17.58 4.29 -6.00
CA ALA A 282 18.31 3.17 -5.43
C ALA A 282 19.67 3.02 -6.08
N SER A 283 20.62 2.45 -5.34
CA SER A 283 21.84 1.93 -5.96
C SER A 283 22.28 0.74 -5.13
N LYS A 284 23.00 -0.19 -5.71
CA LYS A 284 23.29 -1.41 -4.98
C LYS A 284 24.18 -1.17 -3.77
N LYS A 285 25.00 -0.12 -3.81
CA LYS A 285 25.86 0.21 -2.68
C LYS A 285 25.09 0.88 -1.54
N ASN A 286 24.01 1.59 -1.86
CA ASN A 286 23.37 2.45 -0.87
C ASN A 286 21.90 2.16 -0.62
N SER A 287 21.41 1.00 -1.09
CA SER A 287 20.01 0.63 -0.85
C SER A 287 19.89 -0.82 -0.43
N ILE A 288 18.89 -1.12 0.39
CA ILE A 288 18.62 -2.52 0.70
C ILE A 288 17.84 -3.13 -0.47
N ASP A 289 17.89 -4.45 -0.57
CA ASP A 289 17.24 -5.20 -1.65
C ASP A 289 15.79 -4.77 -1.85
N PHE A 290 15.09 -4.53 -0.74
CA PHE A 290 13.67 -4.22 -0.81
C PHE A 290 13.37 -3.02 -1.72
N SER A 291 14.31 -2.08 -1.79
CA SER A 291 14.14 -0.91 -2.67
C SER A 291 13.88 -1.28 -4.12
N TYR A 292 14.46 -2.38 -4.59
CA TYR A 292 14.34 -2.72 -6.00
C TYR A 292 12.92 -3.17 -6.33
N ALA A 293 12.34 -4.03 -5.49
CA ALA A 293 10.94 -4.41 -5.73
C ALA A 293 10.01 -3.22 -5.46
N ARG A 294 10.36 -2.37 -4.51
CA ARG A 294 9.51 -1.21 -4.19
C ARG A 294 9.42 -0.25 -5.39
N ILE A 295 10.57 0.09 -5.97
CA ILE A 295 10.62 1.02 -7.11
C ILE A 295 9.88 0.42 -8.31
N LEU A 296 10.07 -0.87 -8.56
CA LEU A 296 9.35 -1.53 -9.65
C LEU A 296 7.83 -1.41 -9.45
N THR A 297 7.40 -1.63 -8.22
CA THR A 297 5.96 -1.59 -7.94
CA THR A 297 5.99 -1.58 -7.86
C THR A 297 5.42 -0.17 -7.97
N VAL A 298 6.14 0.79 -7.39
CA VAL A 298 5.59 2.14 -7.35
C VAL A 298 5.67 2.85 -8.72
N VAL A 299 6.78 2.69 -9.45
CA VAL A 299 6.82 3.23 -10.82
C VAL A 299 5.70 2.58 -11.67
N GLY A 300 5.57 1.26 -11.55
CA GLY A 300 4.54 0.55 -12.29
C GLY A 300 3.17 1.09 -11.96
N HIS A 301 2.90 1.19 -10.65
CA HIS A 301 1.61 1.66 -10.16
C HIS A 301 1.23 3.03 -10.75
N GLU A 302 2.14 4.01 -10.64
CA GLU A 302 1.82 5.33 -11.17
C GLU A 302 1.67 5.32 -12.68
N TYR A 303 2.46 4.52 -13.38
CA TYR A 303 2.31 4.44 -14.84
C TYR A 303 0.93 3.86 -15.24
N PHE A 304 0.48 2.79 -14.57
CA PHE A 304 -0.79 2.13 -14.88
C PHE A 304 -1.98 3.04 -14.61
N HIS A 305 -1.80 4.01 -13.71
CA HIS A 305 -2.84 5.03 -13.48
C HIS A 305 -3.13 5.85 -14.74
N GLN A 306 -2.20 5.90 -15.69
CA GLN A 306 -2.43 6.78 -16.84
C GLN A 306 -3.74 6.37 -17.53
N TYR A 307 -4.03 5.07 -17.62
CA TYR A 307 -5.35 4.64 -18.02
C TYR A 307 -6.34 4.52 -16.85
N THR A 308 -5.97 3.76 -15.81
CA THR A 308 -6.93 3.48 -14.74
C THR A 308 -6.81 4.54 -13.63
N GLY A 309 -7.39 5.71 -13.90
CA GLY A 309 -7.37 6.82 -12.96
C GLY A 309 -7.26 8.15 -13.71
N ASN A 310 -6.42 8.21 -14.73
CA ASN A 310 -6.15 9.49 -15.42
C ASN A 310 -7.04 9.66 -16.64
N ARG A 311 -6.87 8.75 -17.61
CA ARG A 311 -7.71 8.80 -18.81
C ARG A 311 -9.14 8.39 -18.50
N VAL A 312 -9.29 7.35 -17.68
CA VAL A 312 -10.58 7.04 -17.09
C VAL A 312 -10.50 7.50 -15.62
N THR A 313 -11.26 8.53 -15.23
CA THR A 313 -11.09 9.05 -13.87
C THR A 313 -12.33 8.79 -13.02
N LEU A 314 -12.43 9.47 -11.89
CA LEU A 314 -13.46 9.19 -10.89
C LEU A 314 -14.59 10.22 -10.93
N ARG A 315 -15.83 9.75 -10.82
CA ARG A 315 -16.95 10.68 -10.66
C ARG A 315 -16.86 11.47 -9.36
N ASP A 316 -16.33 10.81 -8.32
CA ASP A 316 -16.39 11.34 -6.95
C ASP A 316 -15.47 10.47 -6.11
N TRP A 317 -15.15 10.91 -4.90
CA TRP A 317 -14.09 10.22 -4.13
C TRP A 317 -14.54 8.89 -3.56
N PHE A 318 -15.84 8.66 -3.50
CA PHE A 318 -16.32 7.36 -3.05
C PHE A 318 -15.93 6.23 -4.04
N GLN A 319 -15.67 6.59 -5.30
CA GLN A 319 -15.20 5.61 -6.29
C GLN A 319 -13.70 5.34 -6.20
N LEU A 320 -13.02 5.79 -5.14
CA LEU A 320 -11.54 5.68 -5.09
C LEU A 320 -11.00 4.30 -5.46
N THR A 321 -11.64 3.26 -4.97
CA THR A 321 -11.13 1.91 -5.21
C THR A 321 -11.17 1.54 -6.71
N LEU A 322 -12.07 2.17 -7.46
CA LEU A 322 -12.10 1.96 -8.91
C LEU A 322 -10.76 2.30 -9.57
N LYS A 323 -10.06 3.33 -9.09
CA LYS A 323 -8.74 3.58 -9.65
C LYS A 323 -7.66 2.93 -8.78
N GLU A 324 -7.83 2.86 -7.47
CA GLU A 324 -6.73 2.33 -6.67
C GLU A 324 -6.71 0.79 -6.60
N GLY A 325 -7.85 0.18 -6.34
CA GLY A 325 -7.89 -1.29 -6.32
C GLY A 325 -7.50 -1.82 -7.69
N LEU A 326 -7.95 -1.15 -8.75
CA LEU A 326 -7.71 -1.65 -10.08
C LEU A 326 -6.23 -1.44 -10.47
N THR A 327 -5.64 -0.35 -10.02
CA THR A 327 -4.25 -0.08 -10.37
C THR A 327 -3.31 -0.96 -9.53
N VAL A 328 -3.65 -1.20 -8.27
CA VAL A 328 -2.85 -2.20 -7.49
C VAL A 328 -2.90 -3.60 -8.17
N HIS A 329 -4.07 -3.96 -8.70
CA HIS A 329 -4.22 -5.25 -9.38
C HIS A 329 -3.33 -5.26 -10.63
N ARG A 330 -3.37 -4.17 -11.40
CA ARG A 330 -2.51 -4.09 -12.58
C ARG A 330 -1.01 -4.15 -12.22
N GLU A 331 -0.65 -3.45 -11.14
CA GLU A 331 0.72 -3.47 -10.68
C GLU A 331 1.11 -4.87 -10.18
N ASN A 332 0.19 -5.59 -9.55
CA ASN A 332 0.48 -6.97 -9.10
C ASN A 332 0.71 -7.91 -10.29
N LEU A 333 -0.11 -7.81 -11.32
CA LEU A 333 0.08 -8.61 -12.53
C LEU A 333 1.44 -8.33 -13.12
N PHE A 334 1.80 -7.04 -13.12
CA PHE A 334 3.07 -6.58 -13.67
C PHE A 334 4.24 -7.13 -12.89
N SER A 335 4.18 -6.95 -11.59
CA SER A 335 5.31 -7.40 -10.78
CA SER A 335 5.23 -7.41 -10.68
C SER A 335 5.42 -8.93 -10.75
N GLU A 336 4.29 -9.64 -10.82
CA GLU A 336 4.41 -11.11 -10.92
C GLU A 336 5.11 -11.52 -12.23
N GLU A 337 4.79 -10.85 -13.31
CA GLU A 337 5.44 -11.15 -14.58
C GLU A 337 6.93 -10.74 -14.59
N MET A 338 7.26 -9.64 -13.94
CA MET A 338 8.65 -9.14 -13.97
C MET A 338 9.60 -9.92 -13.06
N THR A 339 9.10 -10.33 -11.90
CA THR A 339 9.94 -10.99 -10.92
C THR A 339 10.02 -12.48 -11.18
N LYS A 340 8.95 -13.08 -11.72
CA LYS A 340 8.85 -14.54 -11.92
C LYS A 340 9.18 -15.38 -10.65
N THR A 341 8.79 -14.86 -9.49
CA THR A 341 9.02 -15.56 -8.23
C THR A 341 7.65 -15.74 -7.56
N VAL A 342 7.38 -16.92 -6.98
CA VAL A 342 6.09 -17.12 -6.31
C VAL A 342 5.92 -16.19 -5.10
N THR A 343 7.02 -15.73 -4.51
CA THR A 343 6.94 -14.88 -3.32
C THR A 343 6.27 -13.53 -3.57
N THR A 344 6.18 -13.13 -4.83
CA THR A 344 5.52 -11.88 -5.16
C THR A 344 4.01 -11.94 -4.80
N ARG A 345 3.33 -12.96 -5.30
CA ARG A 345 1.92 -13.18 -4.93
C ARG A 345 1.80 -13.43 -3.42
N LEU A 346 2.69 -14.29 -2.87
CA LEU A 346 2.60 -14.62 -1.43
C LEU A 346 2.76 -13.37 -0.59
N SER A 347 3.58 -12.43 -1.04
CA SER A 347 3.80 -11.25 -0.20
C SER A 347 2.56 -10.36 -0.17
N HIS A 348 1.80 -10.34 -1.26
CA HIS A 348 0.57 -9.53 -1.26
CA HIS A 348 0.54 -9.60 -1.35
C HIS A 348 -0.50 -10.19 -0.41
N VAL A 349 -0.54 -11.52 -0.37
CA VAL A 349 -1.49 -12.21 0.50
C VAL A 349 -1.15 -11.93 1.97
N ASP A 350 0.14 -11.99 2.25
CA ASP A 350 0.68 -11.83 3.59
C ASP A 350 0.30 -10.46 4.13
N LEU A 351 0.42 -9.46 3.27
CA LEU A 351 0.04 -8.09 3.59
C LEU A 351 -1.47 -7.99 3.83
N LEU A 352 -2.27 -8.50 2.90
CA LEU A 352 -3.72 -8.47 3.07
C LEU A 352 -4.17 -9.12 4.40
N ARG A 353 -3.70 -10.34 4.65
CA ARG A 353 -4.25 -11.13 5.74
C ARG A 353 -3.73 -10.67 7.11
N SER A 354 -2.67 -9.88 7.13
CA SER A 354 -2.24 -9.38 8.42
C SER A 354 -2.89 -8.00 8.57
N VAL A 355 -2.46 -7.04 7.76
CA VAL A 355 -2.87 -5.64 7.90
C VAL A 355 -4.33 -5.36 7.54
N GLN A 356 -4.77 -5.86 6.39
CA GLN A 356 -6.12 -5.50 5.96
C GLN A 356 -7.15 -6.28 6.79
N PHE A 357 -6.87 -7.53 7.14
CA PHE A 357 -7.84 -8.29 7.93
C PHE A 357 -7.99 -7.65 9.30
N LEU A 358 -6.88 -7.20 9.87
CA LEU A 358 -6.95 -6.49 11.14
C LEU A 358 -7.87 -5.27 10.98
N GLU A 359 -7.67 -4.48 9.92
CA GLU A 359 -8.52 -3.30 9.72
C GLU A 359 -10.01 -3.71 9.62
N ASP A 360 -10.27 -4.81 8.93
CA ASP A 360 -11.64 -5.17 8.61
C ASP A 360 -12.33 -5.80 9.84
N SER A 361 -11.57 -6.15 10.87
CA SER A 361 -12.20 -6.61 12.11
C SER A 361 -12.05 -5.58 13.25
N SER A 362 -11.60 -4.38 12.91
CA SER A 362 -11.44 -3.27 13.88
C SER A 362 -12.65 -2.33 13.83
N PRO A 363 -12.70 -1.35 14.76
CA PRO A 363 -13.80 -0.38 14.68
C PRO A 363 -13.71 0.48 13.42
N LEU A 364 -12.57 0.44 12.75
CA LEU A 364 -12.40 1.19 11.50
C LEU A 364 -12.96 0.48 10.26
N SER A 365 -13.48 -0.74 10.42
CA SER A 365 -13.90 -1.55 9.26
C SER A 365 -14.85 -0.83 8.30
N HIS A 366 -14.56 -0.92 7.00
CA HIS A 366 -15.40 -0.29 5.98
C HIS A 366 -15.35 -1.15 4.72
N PRO A 367 -16.36 -0.98 3.83
CA PRO A 367 -16.29 -1.64 2.53
C PRO A 367 -15.31 -0.90 1.61
N ILE A 368 -14.97 -1.50 0.48
CA ILE A 368 -13.97 -0.89 -0.37
C ILE A 368 -14.55 0.37 -1.03
N ARG A 369 -15.88 0.51 -1.02
CA ARG A 369 -16.50 1.78 -1.40
C ARG A 369 -17.32 2.28 -0.21
N PRO A 370 -16.71 3.09 0.67
CA PRO A 370 -17.44 3.54 1.86
C PRO A 370 -18.68 4.37 1.56
N GLU A 371 -19.55 4.46 2.54
CA GLU A 371 -20.81 5.21 2.40
C GLU A 371 -20.65 6.66 2.82
N SER A 372 -19.57 6.96 3.55
CA SER A 372 -19.33 8.31 4.06
C SER A 372 -17.87 8.58 4.38
N TYR A 373 -17.51 9.86 4.49
CA TYR A 373 -16.23 10.25 5.05
C TYR A 373 -16.27 11.65 5.61
N VAL A 374 -15.35 11.92 6.54
CA VAL A 374 -15.09 13.28 7.02
C VAL A 374 -13.75 13.76 6.47
N SER A 375 -12.76 12.88 6.49
CA SER A 375 -11.42 13.26 6.01
C SER A 375 -10.99 12.43 4.81
N MET A 376 -10.75 13.08 3.66
CA MET A 376 -10.18 12.32 2.52
C MET A 376 -8.74 11.92 2.80
N GLU A 377 -8.03 12.71 3.60
CA GLU A 377 -6.64 12.37 3.87
C GLU A 377 -6.52 11.05 4.64
N ASN A 378 -7.62 10.58 5.25
CA ASN A 378 -7.59 9.31 5.99
C ASN A 378 -8.23 8.15 5.21
N PHE A 379 -8.66 8.44 3.98
CA PHE A 379 -9.50 7.55 3.18
C PHE A 379 -8.69 6.52 2.38
N TYR A 380 -7.37 6.72 2.31
CA TYR A 380 -6.53 5.89 1.46
C TYR A 380 -6.01 4.69 2.24
N THR A 381 -6.87 3.68 2.37
CA THR A 381 -6.64 2.60 3.33
C THR A 381 -6.24 1.28 2.67
N THR A 382 -5.71 0.36 3.47
CA THR A 382 -5.41 -0.93 2.91
C THR A 382 -6.69 -1.64 2.46
N THR A 383 -7.84 -1.30 3.05
CA THR A 383 -9.09 -1.86 2.55
C THR A 383 -9.34 -1.41 1.10
N VAL A 384 -9.37 -0.09 0.89
CA VAL A 384 -9.58 0.44 -0.46
C VAL A 384 -8.53 -0.06 -1.48
N TYR A 385 -7.29 -0.13 -1.05
CA TYR A 385 -6.20 -0.53 -1.95
C TYR A 385 -6.10 -2.04 -2.13
N ASP A 386 -5.94 -2.75 -1.02
CA ASP A 386 -5.53 -4.16 -1.11
C ASP A 386 -6.72 -5.09 -1.18
N LYS A 387 -7.74 -4.84 -0.38
CA LYS A 387 -8.94 -5.64 -0.61
C LYS A 387 -9.54 -5.23 -1.96
N GLY A 388 -9.44 -3.95 -2.30
CA GLY A 388 -9.92 -3.52 -3.61
C GLY A 388 -9.22 -4.28 -4.73
N SER A 389 -7.90 -4.45 -4.59
CA SER A 389 -7.13 -5.17 -5.60
CA SER A 389 -7.13 -5.17 -5.60
C SER A 389 -7.58 -6.62 -5.69
N GLU A 390 -7.91 -7.23 -4.54
CA GLU A 390 -8.33 -8.62 -4.56
C GLU A 390 -9.69 -8.76 -5.21
N VAL A 391 -10.54 -7.74 -5.04
CA VAL A 391 -11.85 -7.74 -5.66
C VAL A 391 -11.70 -7.53 -7.17
N MET A 392 -10.74 -6.70 -7.56
CA MET A 392 -10.50 -6.51 -9.00
C MET A 392 -9.89 -7.78 -9.59
N ARG A 393 -9.02 -8.44 -8.82
CA ARG A 393 -8.39 -9.70 -9.28
C ARG A 393 -9.40 -10.87 -9.42
N MET A 394 -10.43 -10.90 -8.58
CA MET A 394 -11.42 -11.96 -8.67
C MET A 394 -12.12 -11.97 -10.03
N TYR A 395 -12.32 -10.80 -10.65
CA TYR A 395 -12.90 -10.80 -12.00
C TYR A 395 -12.03 -11.62 -12.96
N LEU A 396 -10.71 -11.52 -12.83
CA LEU A 396 -9.81 -12.25 -13.73
C LEU A 396 -9.91 -13.75 -13.45
N THR A 397 -10.00 -14.12 -12.18
CA THR A 397 -10.16 -15.51 -11.79
C THR A 397 -11.46 -16.09 -12.33
N ILE A 398 -12.54 -15.31 -12.25
CA ILE A 398 -13.86 -15.76 -12.66
C ILE A 398 -13.95 -15.91 -14.17
N LEU A 399 -13.44 -14.91 -14.87
CA LEU A 399 -13.52 -14.83 -16.33
C LEU A 399 -12.43 -15.60 -17.07
N GLY A 400 -11.27 -15.75 -16.44
CA GLY A 400 -10.11 -16.28 -17.14
C GLY A 400 -9.49 -15.18 -17.99
N GLU A 401 -8.27 -15.38 -18.45
CA GLU A 401 -7.50 -14.29 -19.04
C GLU A 401 -8.11 -13.76 -20.36
N GLU A 402 -8.55 -14.64 -21.25
CA GLU A 402 -9.08 -14.17 -22.53
C GLU A 402 -10.29 -13.24 -22.33
N TYR A 403 -11.29 -13.70 -21.57
CA TYR A 403 -12.49 -12.90 -21.34
C TYR A 403 -12.25 -11.74 -20.39
N TYR A 404 -11.32 -11.87 -19.45
CA TYR A 404 -10.99 -10.70 -18.63
C TYR A 404 -10.46 -9.56 -19.50
N LYS A 405 -9.55 -9.90 -20.41
CA LYS A 405 -9.00 -8.90 -21.34
C LYS A 405 -10.08 -8.29 -22.22
N LYS A 406 -11.03 -9.09 -22.67
CA LYS A 406 -12.15 -8.56 -23.45
C LYS A 406 -12.94 -7.57 -22.61
N GLY A 407 -13.26 -7.95 -21.37
CA GLY A 407 -14.02 -7.09 -20.49
C GLY A 407 -13.31 -5.79 -20.15
N PHE A 408 -12.00 -5.90 -19.89
CA PHE A 408 -11.20 -4.72 -19.59
C PHE A 408 -11.20 -3.75 -20.78
N ASP A 409 -11.07 -4.27 -22.01
CA ASP A 409 -11.08 -3.38 -23.15
CA ASP A 409 -11.13 -3.45 -23.21
C ASP A 409 -12.42 -2.66 -23.28
N ILE A 410 -13.51 -3.34 -22.93
CA ILE A 410 -14.83 -2.71 -22.97
C ILE A 410 -14.89 -1.55 -22.01
N TYR A 411 -14.34 -1.76 -20.81
CA TYR A 411 -14.28 -0.71 -19.81
C TYR A 411 -13.50 0.50 -20.29
N ILE A 412 -12.33 0.25 -20.89
CA ILE A 412 -11.51 1.36 -21.36
C ILE A 412 -12.20 2.05 -22.52
N LYS A 413 -12.73 1.27 -23.47
CA LYS A 413 -13.28 1.93 -24.66
C LYS A 413 -14.56 2.71 -24.34
N LYS A 414 -15.38 2.23 -23.40
CA LYS A 414 -16.61 2.94 -23.07
C LYS A 414 -16.37 4.17 -22.21
N ASN A 415 -15.28 4.18 -21.45
CA ASN A 415 -15.10 5.23 -20.45
C ASN A 415 -13.87 6.13 -20.64
N ASP A 416 -13.06 5.83 -21.65
CA ASP A 416 -11.87 6.66 -21.95
C ASP A 416 -12.26 8.13 -22.12
N GLY A 417 -11.57 9.02 -21.42
CA GLY A 417 -11.86 10.44 -21.48
C GLY A 417 -12.95 10.95 -20.55
N ASN A 418 -13.49 10.06 -19.72
CA ASN A 418 -14.61 10.39 -18.85
C ASN A 418 -14.35 10.07 -17.38
N THR A 419 -15.26 10.55 -16.52
CA THR A 419 -15.36 10.06 -15.15
C THR A 419 -16.08 8.71 -15.18
N ALA A 420 -15.89 7.90 -14.16
CA ALA A 420 -16.57 6.61 -14.07
C ALA A 420 -16.84 6.21 -12.61
N THR A 421 -17.67 5.18 -12.43
CA THR A 421 -18.04 4.67 -11.12
C THR A 421 -17.74 3.18 -11.06
N CYS A 422 -17.82 2.59 -9.86
CA CYS A 422 -17.58 1.15 -9.74
C CYS A 422 -18.55 0.33 -10.58
N GLU A 423 -19.79 0.82 -10.72
CA GLU A 423 -20.80 0.15 -11.53
C GLU A 423 -20.37 0.06 -13.00
N ASP A 424 -19.66 1.07 -13.50
CA ASP A 424 -19.16 1.07 -14.87
C ASP A 424 -18.21 -0.12 -15.09
N PHE A 425 -17.33 -0.36 -14.13
CA PHE A 425 -16.43 -1.50 -14.27
C PHE A 425 -17.17 -2.83 -14.19
N ASN A 426 -18.07 -2.94 -13.21
CA ASN A 426 -18.80 -4.18 -13.04
C ASN A 426 -19.60 -4.49 -14.31
N TYR A 427 -20.16 -3.44 -14.91
CA TYR A 427 -20.92 -3.56 -16.15
C TYR A 427 -20.09 -4.13 -17.29
N ALA A 428 -18.88 -3.61 -17.45
CA ALA A 428 -17.95 -4.11 -18.45
C ALA A 428 -17.60 -5.58 -18.21
N MET A 429 -17.29 -5.93 -16.95
CA MET A 429 -16.99 -7.32 -16.60
C MET A 429 -18.20 -8.20 -16.87
N GLU A 430 -19.39 -7.66 -16.61
CA GLU A 430 -20.61 -8.40 -16.82
C GLU A 430 -20.79 -8.75 -18.29
N GLN A 431 -20.42 -7.82 -19.17
CA GLN A 431 -20.58 -8.09 -20.61
C GLN A 431 -19.71 -9.27 -21.00
N ALA A 432 -18.48 -9.31 -20.48
CA ALA A 432 -17.62 -10.46 -20.69
C ALA A 432 -18.17 -11.74 -20.04
N TYR A 433 -18.79 -11.60 -18.87
CA TYR A 433 -19.37 -12.76 -18.20
C TYR A 433 -20.43 -13.39 -19.09
N LYS A 434 -21.31 -12.56 -19.66
CA LYS A 434 -22.35 -13.06 -20.57
C LYS A 434 -21.75 -13.84 -21.74
N MET A 435 -20.66 -13.31 -22.30
CA MET A 435 -19.97 -13.96 -23.40
C MET A 435 -19.34 -15.27 -22.97
N LYS A 436 -18.64 -15.26 -21.84
CA LYS A 436 -18.02 -16.48 -21.34
C LYS A 436 -19.08 -17.55 -21.08
N LYS A 437 -20.19 -17.16 -20.43
CA LYS A 437 -21.24 -18.10 -20.08
C LYS A 437 -22.12 -18.40 -21.29
N ALA A 438 -21.88 -17.67 -22.37
CA ALA A 438 -22.70 -17.80 -23.57
C ALA A 438 -24.20 -17.75 -23.24
N ASP A 439 -24.61 -16.77 -22.44
CA ASP A 439 -26.03 -16.41 -22.36
C ASP A 439 -26.25 -15.05 -21.69
N ASN A 440 -27.07 -14.25 -22.35
CA ASN A 440 -27.22 -12.85 -21.99
C ASN A 440 -28.11 -12.64 -20.79
N SER A 441 -28.53 -13.74 -20.16
CA SER A 441 -29.29 -13.66 -18.92
C SER A 441 -28.35 -13.70 -17.72
N ALA A 442 -27.08 -14.05 -17.95
CA ALA A 442 -26.10 -14.09 -16.88
C ALA A 442 -25.80 -12.67 -16.43
N ASN A 443 -25.63 -12.47 -15.13
CA ASN A 443 -25.33 -11.15 -14.63
C ASN A 443 -24.40 -11.21 -13.43
N LEU A 444 -23.85 -10.06 -13.08
CA LEU A 444 -22.94 -9.95 -11.95
C LEU A 444 -23.53 -9.01 -10.91
N ASN A 445 -24.85 -8.95 -10.81
CA ASN A 445 -25.49 -8.06 -9.85
CA ASN A 445 -25.49 -8.07 -9.85
C ASN A 445 -25.04 -8.36 -8.43
N GLN A 446 -24.93 -9.64 -8.09
CA GLN A 446 -24.50 -10.06 -6.76
C GLN A 446 -23.07 -9.63 -6.50
N TYR A 447 -22.27 -9.57 -7.57
CA TYR A 447 -20.86 -9.22 -7.40
C TYR A 447 -20.69 -7.84 -6.75
N LEU A 448 -21.66 -6.95 -6.97
CA LEU A 448 -21.58 -5.58 -6.44
C LEU A 448 -21.52 -5.53 -4.93
N LEU A 449 -21.96 -6.59 -4.27
CA LEU A 449 -21.86 -6.66 -2.82
C LEU A 449 -20.41 -6.62 -2.33
N TRP A 450 -19.44 -7.05 -3.15
CA TRP A 450 -18.06 -6.86 -2.77
C TRP A 450 -17.68 -5.39 -2.60
N PHE A 451 -18.44 -4.47 -3.22
CA PHE A 451 -18.10 -3.04 -3.07
C PHE A 451 -18.75 -2.42 -1.84
N SER A 452 -19.85 -2.99 -1.39
CA SER A 452 -20.68 -2.35 -0.37
C SER A 452 -20.63 -3.04 0.99
N GLN A 453 -20.25 -4.31 1.00
CA GLN A 453 -20.30 -5.05 2.26
C GLN A 453 -18.92 -5.08 2.92
N SER A 454 -18.83 -4.62 4.16
CA SER A 454 -17.60 -4.66 4.95
C SER A 454 -17.41 -6.02 5.63
N GLY A 455 -16.21 -6.26 6.18
CA GLY A 455 -15.95 -7.46 6.94
C GLY A 455 -15.37 -8.55 6.05
N THR A 456 -14.64 -9.48 6.66
CA THR A 456 -14.00 -10.56 5.93
C THR A 456 -14.88 -11.80 5.98
N PRO A 457 -15.23 -12.35 4.80
CA PRO A 457 -16.01 -13.58 4.85
C PRO A 457 -15.19 -14.74 5.44
N HIS A 458 -15.87 -15.67 6.09
CA HIS A 458 -15.27 -16.91 6.57
C HIS A 458 -15.79 -18.04 5.70
N VAL A 459 -14.90 -18.83 5.12
CA VAL A 459 -15.32 -19.93 4.29
C VAL A 459 -14.82 -21.26 4.89
N SER A 460 -15.74 -22.17 5.12
CA SER A 460 -15.40 -23.43 5.76
C SER A 460 -15.91 -24.61 4.94
N PHE A 461 -15.36 -25.79 5.20
CA PHE A 461 -15.56 -26.96 4.36
C PHE A 461 -15.88 -28.24 5.12
N LYS A 462 -16.67 -29.11 4.50
CA LYS A 462 -16.79 -30.51 4.93
C LYS A 462 -16.62 -31.39 3.68
N TYR A 463 -15.99 -32.56 3.85
CA TYR A 463 -15.73 -33.45 2.73
C TYR A 463 -16.35 -34.80 2.90
N ASN A 464 -16.65 -35.41 1.76
CA ASN A 464 -17.16 -36.78 1.77
CA ASN A 464 -17.17 -36.76 1.78
C ASN A 464 -16.70 -37.51 0.53
N TYR A 465 -16.30 -38.76 0.72
CA TYR A 465 -15.84 -39.61 -0.39
C TYR A 465 -16.51 -40.97 -0.35
N ASP A 466 -17.16 -41.34 -1.46
CA ASP A 466 -17.80 -42.64 -1.65
C ASP A 466 -16.87 -43.50 -2.51
N ALA A 467 -16.18 -44.44 -1.88
CA ALA A 467 -15.15 -45.18 -2.56
C ALA A 467 -15.72 -46.09 -3.63
N GLU A 468 -16.93 -46.59 -3.40
CA GLU A 468 -17.61 -47.45 -4.37
C GLU A 468 -18.07 -46.64 -5.58
N LYS A 469 -18.55 -45.42 -5.37
CA LYS A 469 -19.08 -44.62 -6.47
C LYS A 469 -18.01 -43.76 -7.14
N LYS A 470 -16.82 -43.76 -6.53
CA LYS A 470 -15.70 -42.92 -6.99
C LYS A 470 -16.15 -41.47 -7.07
N GLN A 471 -16.86 -41.04 -6.03
CA GLN A 471 -17.51 -39.75 -6.01
C GLN A 471 -17.09 -38.96 -4.77
N TYR A 472 -16.65 -37.73 -5.00
CA TYR A 472 -16.10 -36.88 -3.94
C TYR A 472 -16.94 -35.60 -3.87
N SER A 473 -17.23 -35.15 -2.66
CA SER A 473 -18.02 -33.92 -2.49
CA SER A 473 -17.97 -33.90 -2.56
C SER A 473 -17.28 -32.91 -1.62
N ILE A 474 -17.39 -31.64 -1.98
CA ILE A 474 -16.85 -30.56 -1.17
C ILE A 474 -18.03 -29.72 -0.74
N HIS A 475 -18.39 -29.76 0.55
CA HIS A 475 -19.49 -28.90 1.00
C HIS A 475 -18.89 -27.61 1.56
N VAL A 476 -19.39 -26.46 1.09
CA VAL A 476 -18.78 -25.16 1.41
C VAL A 476 -19.79 -24.24 2.08
N ASN A 477 -19.35 -23.51 3.10
CA ASN A 477 -20.22 -22.53 3.76
C ASN A 477 -19.51 -21.18 3.82
N GLN A 478 -20.25 -20.08 3.62
CA GLN A 478 -19.68 -18.73 3.83
C GLN A 478 -20.45 -17.94 4.89
N TYR A 479 -19.73 -17.07 5.59
CA TYR A 479 -20.30 -16.33 6.69
C TYR A 479 -19.50 -15.07 6.93
N THR A 480 -20.17 -13.92 6.93
CA THR A 480 -19.52 -12.69 7.32
C THR A 480 -20.14 -12.23 8.64
N LYS A 481 -19.30 -11.92 9.62
CA LYS A 481 -19.84 -11.48 10.91
C LYS A 481 -20.53 -10.15 10.76
N PRO A 482 -21.71 -9.99 11.39
CA PRO A 482 -22.34 -8.65 11.40
C PRO A 482 -21.42 -7.60 12.02
N ASP A 483 -21.53 -6.34 11.58
CA ASP A 483 -20.73 -5.29 12.18
C ASP A 483 -21.51 -3.98 12.17
N GLU A 484 -20.82 -2.85 12.32
CA GLU A 484 -21.52 -1.56 12.40
C GLU A 484 -22.15 -1.13 11.08
N ASN A 485 -21.65 -1.66 9.98
CA ASN A 485 -22.08 -1.27 8.65
C ASN A 485 -23.29 -2.03 8.11
N GLN A 486 -23.32 -3.34 8.35
CA GLN A 486 -24.50 -4.16 8.01
C GLN A 486 -24.88 -5.08 9.16
N LYS A 487 -26.12 -4.95 9.63
CA LYS A 487 -26.65 -5.87 10.65
C LYS A 487 -26.82 -7.27 10.06
N GLU A 488 -27.34 -7.32 8.82
CA GLU A 488 -27.46 -8.58 8.11
C GLU A 488 -26.47 -8.57 6.95
N LYS A 489 -25.64 -9.61 6.89
CA LYS A 489 -24.65 -9.72 5.84
C LYS A 489 -25.22 -10.66 4.80
N LYS A 490 -24.93 -10.42 3.52
CA LYS A 490 -25.48 -11.25 2.46
C LYS A 490 -24.39 -12.15 1.89
N PRO A 491 -24.77 -13.30 1.33
CA PRO A 491 -23.75 -14.14 0.69
C PRO A 491 -23.13 -13.44 -0.53
N LEU A 492 -21.82 -13.57 -0.70
CA LEU A 492 -21.09 -12.98 -1.80
C LEU A 492 -20.86 -13.99 -2.92
N PHE A 493 -20.48 -13.48 -4.10
CA PHE A 493 -20.04 -14.32 -5.20
C PHE A 493 -18.56 -14.62 -4.91
N ILE A 494 -18.30 -15.82 -4.41
CA ILE A 494 -16.95 -16.21 -4.04
C ILE A 494 -16.41 -17.28 -5.01
N PRO A 495 -15.37 -16.93 -5.80
CA PRO A 495 -14.73 -17.91 -6.66
C PRO A 495 -13.66 -18.73 -5.92
N ILE A 496 -13.78 -20.05 -6.00
CA ILE A 496 -12.91 -20.91 -5.23
C ILE A 496 -12.13 -21.77 -6.20
N SER A 497 -10.90 -21.35 -6.45
CA SER A 497 -10.01 -22.12 -7.31
CA SER A 497 -9.99 -22.10 -7.31
C SER A 497 -9.53 -23.36 -6.57
N VAL A 498 -9.76 -24.51 -7.17
CA VAL A 498 -9.46 -25.77 -6.47
C VAL A 498 -8.71 -26.77 -7.34
N GLY A 499 -7.96 -27.63 -6.67
CA GLY A 499 -7.38 -28.81 -7.25
C GLY A 499 -7.65 -29.96 -6.29
N LEU A 500 -7.48 -31.17 -6.79
CA LEU A 500 -7.65 -32.36 -5.96
C LEU A 500 -6.38 -33.16 -6.09
N ILE A 501 -5.62 -33.29 -5.00
CA ILE A 501 -4.36 -34.01 -5.03
C ILE A 501 -4.51 -35.47 -4.65
N ASN A 502 -3.98 -36.36 -5.47
CA ASN A 502 -3.90 -37.79 -5.14
C ASN A 502 -2.84 -38.01 -4.06
N PRO A 503 -3.25 -38.45 -2.87
CA PRO A 503 -2.25 -38.51 -1.81
C PRO A 503 -1.20 -39.60 -2.01
N GLU A 504 -1.44 -40.55 -2.92
CA GLU A 504 -0.47 -41.63 -3.10
C GLU A 504 0.69 -41.19 -4.00
N ASN A 505 0.42 -40.33 -4.97
CA ASN A 505 1.47 -39.93 -5.88
C ASN A 505 1.66 -38.44 -6.04
N GLY A 506 0.86 -37.64 -5.35
CA GLY A 506 0.96 -36.18 -5.41
C GLY A 506 0.43 -35.53 -6.67
N LYS A 507 -0.20 -36.29 -7.55
CA LYS A 507 -0.62 -35.76 -8.85
C LYS A 507 -2.01 -35.09 -8.84
N GLU A 508 -2.26 -34.24 -9.82
CA GLU A 508 -3.55 -33.59 -10.01
C GLU A 508 -4.59 -34.60 -10.43
N MET A 509 -5.80 -34.51 -9.87
CA MET A 509 -6.83 -35.48 -10.22
C MET A 509 -7.93 -34.88 -11.10
N ILE A 510 -7.98 -33.56 -11.18
CA ILE A 510 -8.95 -32.87 -12.04
C ILE A 510 -8.27 -31.72 -12.75
N SER A 511 -8.87 -31.24 -13.83
CA SER A 511 -8.38 -30.07 -14.54
C SER A 511 -8.67 -28.81 -13.73
N GLN A 512 -8.12 -27.69 -14.20
CA GLN A 512 -8.32 -26.40 -13.53
C GLN A 512 -9.80 -26.15 -13.34
N THR A 513 -10.16 -25.83 -12.10
CA THR A 513 -11.57 -25.71 -11.73
C THR A 513 -11.77 -24.55 -10.79
N THR A 514 -12.75 -23.69 -11.09
CA THR A 514 -13.07 -22.57 -10.19
C THR A 514 -14.52 -22.75 -9.82
N LEU A 515 -14.74 -23.13 -8.57
CA LEU A 515 -16.09 -23.26 -8.02
C LEU A 515 -16.71 -21.88 -7.84
N GLU A 516 -17.93 -21.69 -8.33
CA GLU A 516 -18.58 -20.40 -8.13
C GLU A 516 -19.58 -20.52 -6.99
N LEU A 517 -19.13 -20.14 -5.80
CA LEU A 517 -20.03 -20.18 -4.65
C LEU A 517 -20.84 -18.88 -4.58
N THR A 518 -22.15 -18.99 -4.75
CA THR A 518 -22.99 -17.80 -4.74
C THR A 518 -24.05 -17.81 -3.65
N LYS A 519 -24.14 -18.90 -2.90
CA LYS A 519 -25.15 -19.03 -1.86
C LYS A 519 -24.46 -19.07 -0.51
N GLU A 520 -25.25 -19.08 0.57
CA GLU A 520 -24.66 -19.19 1.89
C GLU A 520 -23.90 -20.51 1.99
N SER A 521 -24.41 -21.54 1.31
CA SER A 521 -23.71 -22.83 1.25
C SER A 521 -24.05 -23.59 -0.03
N ASP A 522 -23.17 -24.48 -0.43
CA ASP A 522 -23.38 -25.29 -1.62
C ASP A 522 -22.56 -26.56 -1.51
N THR A 523 -22.94 -27.60 -2.23
CA THR A 523 -22.13 -28.81 -2.24
C THR A 523 -21.69 -29.07 -3.67
N PHE A 524 -20.38 -29.17 -3.89
CA PHE A 524 -19.79 -29.43 -5.20
C PHE A 524 -19.33 -30.87 -5.29
N VAL A 525 -19.87 -31.60 -6.26
CA VAL A 525 -19.63 -33.02 -6.37
C VAL A 525 -18.78 -33.31 -7.61
N PHE A 526 -17.88 -34.28 -7.46
CA PHE A 526 -17.00 -34.70 -8.55
C PHE A 526 -17.10 -36.19 -8.75
N ASN A 527 -17.35 -36.61 -9.99
CA ASN A 527 -17.38 -38.03 -10.31
C ASN A 527 -16.03 -38.55 -10.79
N ASN A 528 -15.91 -39.87 -10.85
CA ASN A 528 -14.71 -40.54 -11.35
C ASN A 528 -13.45 -40.07 -10.65
N ILE A 529 -13.51 -40.08 -9.32
CA ILE A 529 -12.40 -39.73 -8.46
C ILE A 529 -11.94 -41.03 -7.83
N ALA A 530 -10.81 -41.55 -8.30
CA ALA A 530 -10.49 -42.97 -8.09
C ALA A 530 -10.04 -43.26 -6.67
N VAL A 531 -9.64 -42.21 -5.95
CA VAL A 531 -9.16 -42.39 -4.60
C VAL A 531 -9.53 -41.13 -3.83
N LYS A 532 -9.63 -41.24 -2.51
CA LYS A 532 -9.96 -40.07 -1.70
C LYS A 532 -8.83 -39.04 -1.81
N PRO A 533 -9.16 -37.84 -2.26
CA PRO A 533 -8.14 -36.83 -2.49
C PRO A 533 -7.86 -35.97 -1.27
N ILE A 534 -6.80 -35.18 -1.32
CA ILE A 534 -6.67 -34.05 -0.43
C ILE A 534 -6.96 -32.82 -1.25
N PRO A 535 -7.92 -32.02 -0.80
CA PRO A 535 -8.31 -30.86 -1.60
C PRO A 535 -7.30 -29.71 -1.47
N SER A 536 -6.99 -29.09 -2.60
CA SER A 536 -6.16 -27.91 -2.66
C SER A 536 -7.09 -26.70 -2.88
N LEU A 537 -7.36 -25.95 -1.80
CA LEU A 537 -8.45 -24.97 -1.84
C LEU A 537 -8.03 -23.51 -1.90
N PHE A 538 -8.75 -22.73 -2.70
CA PHE A 538 -8.45 -21.30 -2.90
C PHE A 538 -7.04 -21.10 -3.47
N ARG A 539 -6.70 -21.90 -4.47
CA ARG A 539 -5.41 -21.76 -5.13
C ARG A 539 -5.17 -20.30 -5.56
N GLY A 540 -3.95 -19.81 -5.35
CA GLY A 540 -3.57 -18.44 -5.67
C GLY A 540 -4.20 -17.42 -4.71
N PHE A 541 -4.81 -17.93 -3.64
CA PHE A 541 -5.66 -17.14 -2.72
C PHE A 541 -6.79 -16.49 -3.54
N SER A 542 -7.77 -17.29 -3.95
CA SER A 542 -8.67 -16.85 -5.02
C SER A 542 -9.82 -15.95 -4.55
N ALA A 543 -9.96 -15.76 -3.25
CA ALA A 543 -10.90 -14.77 -2.72
C ALA A 543 -10.38 -14.25 -1.39
N PRO A 544 -10.69 -12.98 -1.05
CA PRO A 544 -10.15 -12.37 0.18
C PRO A 544 -10.96 -12.79 1.40
N VAL A 545 -10.67 -13.99 1.91
CA VAL A 545 -11.49 -14.59 2.96
C VAL A 545 -10.64 -15.30 4.01
N TYR A 546 -11.25 -15.52 5.17
CA TYR A 546 -10.67 -16.45 6.15
C TYR A 546 -10.94 -17.87 5.62
N ILE A 547 -9.89 -18.63 5.33
CA ILE A 547 -10.05 -20.01 4.90
C ILE A 547 -10.01 -20.97 6.10
N GLU A 548 -11.04 -21.77 6.27
CA GLU A 548 -11.01 -22.81 7.29
C GLU A 548 -11.07 -24.16 6.59
N ASP A 549 -9.87 -24.74 6.35
CA ASP A 549 -9.78 -25.89 5.42
C ASP A 549 -10.22 -27.22 6.02
N GLN A 550 -10.34 -27.27 7.35
CA GLN A 550 -10.76 -28.49 8.07
C GLN A 550 -9.94 -29.71 7.69
N LEU A 551 -8.67 -29.47 7.39
CA LEU A 551 -7.76 -30.57 7.09
C LEU A 551 -6.96 -30.97 8.32
N THR A 552 -6.51 -32.23 8.37
CA THR A 552 -5.62 -32.63 9.45
C THR A 552 -4.22 -32.07 9.19
N ASP A 553 -3.37 -32.07 10.22
CA ASP A 553 -2.02 -31.60 10.01
C ASP A 553 -1.29 -32.54 9.03
N GLU A 554 -1.63 -33.84 9.08
CA GLU A 554 -1.06 -34.79 8.13
C GLU A 554 -1.39 -34.41 6.67
N GLU A 555 -2.65 -34.03 6.44
CA GLU A 555 -3.08 -33.62 5.10
C GLU A 555 -2.37 -32.35 4.68
N ARG A 556 -2.26 -31.40 5.62
CA ARG A 556 -1.63 -30.12 5.33
C ARG A 556 -0.15 -30.35 5.01
N ILE A 557 0.48 -31.27 5.73
CA ILE A 557 1.88 -31.57 5.42
C ILE A 557 2.03 -32.12 4.00
N LEU A 558 1.12 -33.01 3.63
CA LEU A 558 1.15 -33.59 2.28
C LEU A 558 1.02 -32.48 1.24
N LEU A 559 0.13 -31.52 1.49
CA LEU A 559 -0.02 -30.40 0.54
C LEU A 559 1.24 -29.55 0.54
N LEU A 560 1.77 -29.28 1.72
CA LEU A 560 2.97 -28.46 1.83
C LEU A 560 4.12 -29.07 1.01
N LYS A 561 4.26 -30.39 1.06
CA LYS A 561 5.33 -31.04 0.33
C LYS A 561 5.04 -31.18 -1.16
N TYR A 562 3.79 -31.49 -1.51
CA TYR A 562 3.52 -32.02 -2.86
C TYR A 562 2.53 -31.28 -3.76
N ASP A 563 1.81 -30.32 -3.20
CA ASP A 563 0.82 -29.59 -4.00
C ASP A 563 1.51 -28.74 -5.09
N SER A 564 0.77 -28.38 -6.11
CA SER A 564 1.32 -27.59 -7.20
C SER A 564 1.19 -26.08 -6.99
N ASP A 565 0.32 -25.67 -6.08
CA ASP A 565 0.04 -24.26 -5.91
C ASP A 565 0.81 -23.63 -4.75
N ALA A 566 1.62 -22.60 -5.04
CA ALA A 566 2.46 -22.00 -4.00
C ALA A 566 1.61 -21.47 -2.83
N PHE A 567 0.53 -20.76 -3.12
CA PHE A 567 -0.28 -20.25 -2.02
C PHE A 567 -0.80 -21.38 -1.11
N VAL A 568 -1.38 -22.43 -1.69
CA VAL A 568 -1.95 -23.49 -0.82
C VAL A 568 -0.85 -24.18 -0.01
N ARG A 569 0.36 -24.28 -0.58
CA ARG A 569 1.44 -24.88 0.21
C ARG A 569 1.76 -23.98 1.40
N TYR A 570 1.95 -22.70 1.09
CA TYR A 570 2.20 -21.65 2.08
C TYR A 570 1.06 -21.56 3.10
N ASN A 571 -0.19 -21.67 2.62
CA ASN A 571 -1.32 -21.58 3.53
C ASN A 571 -1.41 -22.82 4.41
N SER A 572 -1.08 -23.97 3.86
CA SER A 572 -1.13 -25.20 4.64
C SER A 572 -0.13 -25.13 5.80
N CYS A 573 1.06 -24.60 5.50
CA CYS A 573 2.08 -24.35 6.52
C CYS A 573 1.59 -23.33 7.57
N THR A 574 1.01 -22.24 7.09
CA THR A 574 0.41 -21.23 7.96
C THR A 574 -0.60 -21.86 8.93
N ASN A 575 -1.45 -22.74 8.40
CA ASN A 575 -2.52 -23.34 9.22
C ASN A 575 -1.97 -24.28 10.28
N ILE A 576 -0.90 -25.02 9.94
CA ILE A 576 -0.21 -25.87 10.92
C ILE A 576 0.39 -25.01 12.03
N TYR A 577 1.06 -23.92 11.65
CA TYR A 577 1.60 -22.97 12.63
C TYR A 577 0.50 -22.39 13.51
N MET A 578 -0.61 -21.98 12.90
CA MET A 578 -1.68 -21.39 13.71
C MET A 578 -2.29 -22.36 14.72
N LYS A 579 -2.48 -23.62 14.33
CA LYS A 579 -3.01 -24.61 15.25
C LYS A 579 -2.08 -24.76 16.47
N GLN A 580 -0.79 -24.80 16.20
CA GLN A 580 0.21 -24.89 17.25
C GLN A 580 0.20 -23.65 18.16
N ILE A 581 0.23 -22.48 17.52
CA ILE A 581 0.22 -21.21 18.21
C ILE A 581 -0.97 -21.08 19.15
N LEU A 582 -2.16 -21.40 18.67
CA LEU A 582 -3.36 -21.22 19.52
C LEU A 582 -3.32 -22.23 20.69
N MET A 583 -2.84 -23.43 20.42
CA MET A 583 -2.75 -24.45 21.46
CA MET A 583 -2.74 -24.46 21.44
C MET A 583 -1.76 -24.05 22.54
N ASN A 584 -0.53 -23.70 22.13
CA ASN A 584 0.51 -23.30 23.10
C ASN A 584 0.11 -22.00 23.82
N TYR A 585 -0.50 -21.07 23.08
CA TYR A 585 -0.95 -19.83 23.69
C TYR A 585 -1.90 -20.14 24.86
N ASN A 586 -2.85 -21.05 24.64
CA ASN A 586 -3.83 -21.31 25.66
CA ASN A 586 -3.83 -21.36 25.66
C ASN A 586 -3.18 -22.04 26.84
N GLU A 587 -2.16 -22.83 26.56
CA GLU A 587 -1.46 -23.57 27.62
C GLU A 587 -0.68 -22.59 28.52
N PHE A 588 0.07 -21.69 27.91
CA PHE A 588 0.75 -20.63 28.64
C PHE A 588 -0.23 -19.73 29.39
N LEU A 589 -1.33 -19.35 28.74
CA LEU A 589 -2.30 -18.45 29.38
C LEU A 589 -2.88 -19.07 30.65
N LYS A 590 -3.25 -20.34 30.57
CA LYS A 590 -3.81 -21.04 31.72
C LYS A 590 -2.79 -21.13 32.85
N ALA A 591 -1.54 -21.37 32.49
CA ALA A 591 -0.49 -21.46 33.52
C ALA A 591 -0.36 -20.13 34.25
N LYS A 592 -0.40 -19.04 33.48
CA LYS A 592 -0.33 -17.67 33.99
C LYS A 592 -1.51 -17.37 34.89
N ASN A 593 -2.71 -17.58 34.36
CA ASN A 593 -3.93 -17.35 35.11
C ASN A 593 -4.01 -18.17 36.38
N GLU A 594 -3.65 -19.44 36.31
CA GLU A 594 -3.79 -20.32 37.46
C GLU A 594 -2.55 -20.27 38.36
N LYS A 595 -1.54 -19.51 37.95
CA LYS A 595 -0.29 -19.41 38.70
C LYS A 595 0.29 -20.79 39.01
N LEU A 596 0.34 -21.61 37.97
CA LEU A 596 0.79 -22.99 38.10
C LEU A 596 2.28 -23.03 38.35
N GLU A 597 2.70 -23.94 39.23
CA GLU A 597 4.11 -24.17 39.49
C GLU A 597 4.75 -25.01 38.39
N SER A 598 3.93 -25.83 37.74
CA SER A 598 4.40 -26.65 36.64
C SER A 598 3.23 -26.95 35.70
N PHE A 599 3.55 -27.24 34.45
CA PHE A 599 2.55 -27.48 33.43
C PHE A 599 3.21 -28.03 32.17
N GLN A 600 2.40 -28.48 31.23
CA GLN A 600 2.92 -29.05 30.00
C GLN A 600 2.60 -28.18 28.79
N LEU A 601 3.48 -28.23 27.80
CA LEU A 601 3.22 -27.60 26.51
C LEU A 601 3.17 -28.68 25.44
N THR A 602 2.22 -28.56 24.51
CA THR A 602 2.19 -29.47 23.36
C THR A 602 3.34 -29.22 22.38
N PRO A 603 4.17 -30.24 22.13
CA PRO A 603 5.29 -30.00 21.20
C PRO A 603 4.85 -29.75 19.75
N VAL A 604 5.74 -29.12 18.99
CA VAL A 604 5.51 -28.93 17.57
C VAL A 604 5.48 -30.32 16.90
N ASN A 605 4.56 -30.50 15.96
CA ASN A 605 4.39 -31.75 15.20
C ASN A 605 5.73 -32.16 14.56
N ALA A 606 6.19 -33.37 14.86
CA ALA A 606 7.52 -33.81 14.40
C ALA A 606 7.57 -34.01 12.89
N GLN A 607 6.46 -34.50 12.31
CA GLN A 607 6.40 -34.71 10.86
C GLN A 607 6.41 -33.37 10.13
N PHE A 608 5.84 -32.35 10.77
CA PHE A 608 5.88 -31.00 10.22
C PHE A 608 7.32 -30.51 10.15
N ILE A 609 8.07 -30.68 11.25
CA ILE A 609 9.47 -30.26 11.27
C ILE A 609 10.24 -31.05 10.20
N ASP A 610 9.96 -32.35 10.08
CA ASP A 610 10.58 -33.16 9.03
C ASP A 610 10.28 -32.62 7.61
N ALA A 611 9.06 -32.12 7.40
CA ALA A 611 8.65 -31.56 6.10
C ALA A 611 9.40 -30.26 5.79
N ILE A 612 9.55 -29.42 6.80
CA ILE A 612 10.37 -28.22 6.64
C ILE A 612 11.80 -28.59 6.24
N LYS A 613 12.37 -29.58 6.92
CA LYS A 613 13.74 -30.04 6.59
C LYS A 613 13.82 -30.52 5.14
N TYR A 614 12.83 -31.33 4.76
CA TYR A 614 12.72 -31.85 3.40
C TYR A 614 12.75 -30.75 2.35
N LEU A 615 11.91 -29.73 2.53
CA LEU A 615 11.87 -28.63 1.58
C LEU A 615 13.15 -27.81 1.61
N LEU A 616 13.62 -27.47 2.81
CA LEU A 616 14.87 -26.73 2.94
C LEU A 616 16.04 -27.42 2.21
N GLU A 617 16.09 -28.74 2.27
CA GLU A 617 17.21 -29.47 1.71
C GLU A 617 17.02 -29.76 0.22
N ASP A 618 15.88 -29.37 -0.32
CA ASP A 618 15.62 -29.60 -1.73
C ASP A 618 16.24 -28.48 -2.56
N PRO A 619 17.28 -28.82 -3.33
CA PRO A 619 18.06 -27.81 -4.05
C PRO A 619 17.25 -27.18 -5.17
N HIS A 620 16.21 -27.86 -5.64
CA HIS A 620 15.41 -27.34 -6.73
C HIS A 620 14.20 -26.54 -6.24
N ALA A 621 14.07 -26.39 -4.93
CA ALA A 621 13.00 -25.61 -4.35
C ALA A 621 13.41 -24.13 -4.28
N ASP A 622 12.42 -23.25 -4.14
CA ASP A 622 12.61 -21.81 -4.23
C ASP A 622 13.05 -21.15 -2.92
N ALA A 623 14.10 -20.34 -2.98
CA ALA A 623 14.66 -19.72 -1.77
C ALA A 623 13.69 -18.80 -1.03
N GLY A 624 12.91 -18.00 -1.76
CA GLY A 624 11.94 -17.11 -1.14
C GLY A 624 10.85 -17.89 -0.43
N PHE A 625 10.36 -18.92 -1.10
CA PHE A 625 9.36 -19.81 -0.49
C PHE A 625 9.91 -20.41 0.81
N LYS A 626 11.15 -20.88 0.77
CA LYS A 626 11.80 -21.45 1.95
C LYS A 626 11.83 -20.45 3.10
N SER A 627 12.03 -19.17 2.79
CA SER A 627 12.10 -18.17 3.87
C SER A 627 10.72 -18.02 4.52
N TYR A 628 9.64 -18.23 3.76
CA TYR A 628 8.31 -18.15 4.37
C TYR A 628 8.04 -19.33 5.30
N ILE A 629 8.48 -20.54 4.94
CA ILE A 629 8.08 -21.70 5.76
C ILE A 629 8.80 -21.77 7.11
N VAL A 630 9.97 -21.13 7.23
CA VAL A 630 10.66 -21.11 8.52
C VAL A 630 10.28 -19.92 9.39
N SER A 631 9.37 -19.09 8.89
CA SER A 631 8.89 -17.91 9.62
C SER A 631 7.49 -18.15 10.12
N LEU A 632 7.23 -17.85 11.39
CA LEU A 632 5.87 -17.95 11.94
C LEU A 632 4.98 -16.87 11.35
N PRO A 633 3.67 -17.11 11.34
CA PRO A 633 2.75 -16.08 10.86
C PRO A 633 2.94 -14.73 11.59
N GLN A 634 2.74 -13.63 10.87
CA GLN A 634 2.75 -12.28 11.43
C GLN A 634 1.91 -12.13 12.68
N ASP A 635 2.42 -11.39 13.66
CA ASP A 635 1.64 -11.08 14.85
C ASP A 635 0.28 -10.50 14.48
N ARG A 636 0.24 -9.60 13.51
CA ARG A 636 -1.05 -8.99 13.18
C ARG A 636 -1.98 -9.92 12.43
N TYR A 637 -1.45 -11.04 11.92
CA TYR A 637 -2.33 -12.08 11.38
C TYR A 637 -2.90 -12.89 12.53
N ILE A 638 -2.01 -13.29 13.44
CA ILE A 638 -2.37 -14.11 14.60
C ILE A 638 -3.47 -13.45 15.45
N ILE A 639 -3.36 -12.14 15.63
CA ILE A 639 -4.27 -11.47 16.57
C ILE A 639 -5.74 -11.55 16.13
N ASN A 640 -5.98 -11.74 14.84
CA ASN A 640 -7.37 -11.90 14.39
C ASN A 640 -8.04 -13.16 14.92
N PHE A 641 -7.24 -14.05 15.50
CA PHE A 641 -7.74 -15.35 15.95
C PHE A 641 -7.81 -15.52 17.46
N VAL A 642 -7.40 -14.49 18.20
CA VAL A 642 -7.34 -14.59 19.65
C VAL A 642 -8.09 -13.44 20.30
N SER A 643 -8.99 -13.74 21.22
CA SER A 643 -9.64 -12.68 22.02
C SER A 643 -8.78 -12.25 23.21
N ASN A 644 -8.77 -10.96 23.51
CA ASN A 644 -8.06 -10.46 24.70
C ASN A 644 -6.62 -10.90 24.68
N LEU A 645 -5.99 -10.76 23.51
CA LEU A 645 -4.63 -11.22 23.27
C LEU A 645 -3.63 -10.66 24.27
N ASP A 646 -3.03 -11.53 25.09
CA ASP A 646 -1.96 -11.13 26.00
C ASP A 646 -0.64 -11.16 25.22
N THR A 647 -0.09 -10.00 24.92
CA THR A 647 1.08 -9.97 24.04
C THR A 647 2.31 -10.66 24.66
N ASP A 648 2.38 -10.70 25.97
CA ASP A 648 3.48 -11.40 26.62
C ASP A 648 3.36 -12.90 26.40
N VAL A 649 2.16 -13.42 26.60
CA VAL A 649 1.89 -14.84 26.38
C VAL A 649 2.16 -15.20 24.91
N LEU A 650 1.76 -14.34 23.99
CA LEU A 650 2.03 -14.64 22.58
C LEU A 650 3.55 -14.64 22.31
N ALA A 651 4.27 -13.68 22.88
CA ALA A 651 5.73 -13.66 22.74
C ALA A 651 6.37 -14.96 23.28
N ASP A 652 5.87 -15.43 24.41
CA ASP A 652 6.36 -16.66 25.01
C ASP A 652 6.04 -17.86 24.11
N THR A 653 4.82 -17.84 23.56
CA THR A 653 4.39 -18.88 22.62
C THR A 653 5.28 -18.96 21.39
N LYS A 654 5.54 -17.82 20.75
CA LYS A 654 6.37 -17.79 19.57
C LYS A 654 7.80 -18.29 19.87
N GLU A 655 8.34 -17.86 21.01
CA GLU A 655 9.69 -18.28 21.40
C GLU A 655 9.77 -19.80 21.58
N TYR A 656 8.76 -20.37 22.25
CA TYR A 656 8.75 -21.81 22.47
C TYR A 656 8.76 -22.56 21.12
N ILE A 657 7.90 -22.15 20.19
CA ILE A 657 7.78 -22.81 18.89
C ILE A 657 9.05 -22.66 18.06
N TYR A 658 9.60 -21.46 17.96
CA TYR A 658 10.88 -21.28 17.25
C TYR A 658 11.99 -22.12 17.87
N LYS A 659 12.00 -22.22 19.20
CA LYS A 659 13.05 -22.95 19.89
C LYS A 659 12.89 -24.45 19.61
N GLN A 660 11.65 -24.94 19.65
CA GLN A 660 11.36 -26.33 19.30
C GLN A 660 11.90 -26.72 17.92
N ILE A 661 11.61 -25.88 16.93
CA ILE A 661 12.02 -26.17 15.57
C ILE A 661 13.53 -25.98 15.43
N GLY A 662 14.08 -24.91 16.00
CA GLY A 662 15.52 -24.71 15.92
C GLY A 662 16.32 -25.83 16.60
N ASP A 663 15.80 -26.35 17.71
CA ASP A 663 16.50 -27.46 18.37
C ASP A 663 16.65 -28.69 17.45
N LYS A 664 15.78 -28.79 16.45
CA LYS A 664 15.89 -29.86 15.46
C LYS A 664 16.61 -29.42 14.18
N LEU A 665 16.42 -28.18 13.75
CA LEU A 665 16.88 -27.81 12.41
C LEU A 665 18.06 -26.86 12.36
N ASN A 666 18.61 -26.46 13.51
CA ASN A 666 19.64 -25.42 13.47
C ASN A 666 20.86 -25.81 12.65
N ASP A 667 21.27 -27.08 12.71
CA ASP A 667 22.43 -27.49 11.93
C ASP A 667 22.13 -27.40 10.43
N VAL A 668 20.90 -27.75 10.04
CA VAL A 668 20.47 -27.53 8.66
C VAL A 668 20.47 -26.05 8.29
N TYR A 669 19.96 -25.20 9.19
CA TYR A 669 19.95 -23.76 8.93
C TYR A 669 21.38 -23.27 8.67
N TYR A 670 22.31 -23.68 9.53
CA TYR A 670 23.68 -23.22 9.41
C TYR A 670 24.35 -23.68 8.10
N LYS A 671 24.18 -24.95 7.79
CA LYS A 671 24.68 -25.53 6.56
C LYS A 671 24.19 -24.77 5.33
N MET A 672 22.91 -24.45 5.30
CA MET A 672 22.36 -23.66 4.20
C MET A 672 22.90 -22.25 4.18
N PHE A 673 22.98 -21.62 5.35
CA PHE A 673 23.51 -20.27 5.42
C PHE A 673 24.89 -20.22 4.79
N LYS A 674 25.70 -21.25 5.04
CA LYS A 674 27.01 -21.28 4.44
C LYS A 674 26.95 -21.65 2.96
N SER A 675 26.10 -22.59 2.57
CA SER A 675 26.14 -23.06 1.19
C SER A 675 25.54 -22.05 0.21
N LEU A 676 24.62 -21.22 0.70
CA LEU A 676 23.93 -20.22 -0.12
C LEU A 676 24.81 -19.01 -0.45
N GLU A 677 25.92 -18.88 0.26
CA GLU A 677 26.70 -17.63 0.25
C GLU A 677 27.17 -17.21 -1.14
N ALA A 678 27.78 -18.15 -1.87
CA ALA A 678 28.35 -17.84 -3.17
C ALA A 678 27.33 -17.24 -4.14
N LYS A 679 26.17 -17.89 -4.28
CA LYS A 679 25.14 -17.36 -5.19
C LYS A 679 24.42 -16.15 -4.65
N ALA A 680 24.11 -16.18 -3.36
CA ALA A 680 23.35 -15.11 -2.74
C ALA A 680 24.10 -13.80 -2.84
N ASP A 681 25.41 -13.83 -2.62
CA ASP A 681 26.16 -12.59 -2.48
C ASP A 681 27.04 -12.31 -3.68
N ASP A 682 26.78 -13.01 -4.78
CA ASP A 682 27.52 -12.81 -6.02
C ASP A 682 27.62 -11.33 -6.40
N LEU A 683 28.85 -10.85 -6.63
CA LEU A 683 29.10 -9.45 -6.93
C LEU A 683 29.33 -9.15 -8.43
N THR A 684 29.09 -10.13 -9.30
CA THR A 684 29.31 -9.98 -10.74
C THR A 684 28.67 -8.73 -11.31
N TYR A 685 27.43 -8.45 -10.89
CA TYR A 685 26.68 -7.34 -11.46
C TYR A 685 26.47 -6.20 -10.45
N PHE A 686 27.34 -6.13 -9.45
CA PHE A 686 27.20 -5.13 -8.39
C PHE A 686 27.24 -3.71 -8.97
N ASN A 687 28.02 -3.47 -10.04
CA ASN A 687 28.06 -2.12 -10.60
C ASN A 687 27.26 -1.91 -11.88
N ASP A 688 26.28 -2.78 -12.08
CA ASP A 688 25.31 -2.65 -13.15
C ASP A 688 23.90 -2.44 -12.56
N GLU A 689 23.40 -1.21 -12.63
CA GLU A 689 22.08 -0.90 -12.08
C GLU A 689 20.93 -1.35 -12.95
N SER A 690 21.24 -1.85 -14.13
CA SER A 690 20.18 -2.38 -15.00
C SER A 690 19.89 -3.85 -14.67
N HIS A 691 20.78 -4.46 -13.90
CA HIS A 691 20.74 -5.90 -13.70
C HIS A 691 20.20 -6.27 -12.32
N VAL A 692 18.96 -6.73 -12.27
CA VAL A 692 18.30 -7.01 -10.98
C VAL A 692 17.78 -8.45 -11.00
N ASP A 693 18.13 -9.20 -9.98
CA ASP A 693 17.92 -10.65 -9.96
C ASP A 693 17.10 -10.93 -8.71
N PHE A 694 15.80 -11.14 -8.91
CA PHE A 694 14.92 -11.31 -7.77
C PHE A 694 15.13 -12.67 -7.09
N ASP A 695 15.53 -13.68 -7.86
CA ASP A 695 15.90 -14.95 -7.21
C ASP A 695 17.08 -14.75 -6.28
N GLN A 696 18.10 -14.03 -6.74
CA GLN A 696 19.27 -13.80 -5.91
C GLN A 696 18.89 -13.02 -4.64
N MET A 697 18.04 -12.00 -4.77
CA MET A 697 17.62 -11.26 -3.58
C MET A 697 16.81 -12.17 -2.65
N ASN A 698 16.01 -13.08 -3.19
CA ASN A 698 15.32 -14.06 -2.35
C ASN A 698 16.30 -15.00 -1.61
N MET A 699 17.41 -15.31 -2.27
CA MET A 699 18.46 -16.10 -1.61
C MET A 699 19.08 -15.31 -0.44
N ARG A 700 19.27 -14.01 -0.63
CA ARG A 700 19.76 -13.20 0.48
C ARG A 700 18.68 -13.11 1.57
N THR A 701 17.42 -12.95 1.19
CA THR A 701 16.34 -13.01 2.20
C THR A 701 16.43 -14.30 3.03
N LEU A 702 16.61 -15.44 2.36
CA LEU A 702 16.73 -16.70 3.08
C LEU A 702 17.94 -16.74 4.03
N ARG A 703 19.11 -16.30 3.57
CA ARG A 703 20.31 -16.30 4.42
C ARG A 703 20.10 -15.42 5.63
N ASN A 704 19.52 -14.26 5.38
CA ASN A 704 19.32 -13.31 6.45
C ASN A 704 18.25 -13.77 7.42
N THR A 705 17.27 -14.51 6.91
CA THR A 705 16.28 -15.13 7.81
C THR A 705 16.91 -16.22 8.69
N LEU A 706 17.70 -17.08 8.06
CA LEU A 706 18.41 -18.13 8.78
C LEU A 706 19.39 -17.56 9.80
N LEU A 707 20.10 -16.51 9.40
CA LEU A 707 21.05 -15.87 10.30
C LEU A 707 20.34 -15.34 11.54
N SER A 708 19.17 -14.73 11.34
CA SER A 708 18.38 -14.27 12.48
C SER A 708 17.99 -15.44 13.40
N LEU A 709 17.53 -16.54 12.82
CA LEU A 709 17.14 -17.68 13.63
C LEU A 709 18.32 -18.25 14.40
N LEU A 710 19.49 -18.27 13.76
CA LEU A 710 20.65 -18.87 14.40
C LEU A 710 21.17 -17.93 15.49
N SER A 711 21.02 -16.63 15.30
CA SER A 711 21.53 -15.66 16.28
C SER A 711 20.70 -15.71 17.55
N LYS A 712 19.39 -15.69 17.38
CA LYS A 712 18.47 -15.79 18.51
C LYS A 712 18.73 -17.09 19.26
N ALA A 713 19.03 -18.16 18.53
CA ALA A 713 19.31 -19.45 19.15
C ALA A 713 20.69 -19.50 19.82
N GLN A 714 21.53 -18.49 19.58
CA GLN A 714 22.89 -18.47 20.11
C GLN A 714 23.63 -19.71 19.63
N TYR A 715 23.47 -20.02 18.34
CA TYR A 715 24.19 -21.11 17.71
C TYR A 715 25.67 -20.91 17.93
N PRO A 716 26.40 -21.99 18.26
CA PRO A 716 27.83 -21.91 18.56
C PRO A 716 28.64 -21.14 17.52
N ASN A 717 29.41 -20.18 18.04
CA ASN A 717 30.26 -19.26 17.26
C ASN A 717 29.54 -18.49 16.14
N ILE A 718 28.22 -18.30 16.24
CA ILE A 718 27.53 -17.60 15.16
C ILE A 718 27.96 -16.12 15.07
N LEU A 719 28.51 -15.58 16.16
CA LEU A 719 28.98 -14.21 16.16
C LEU A 719 30.09 -14.01 15.12
N ASN A 720 30.90 -15.05 14.87
CA ASN A 720 31.88 -14.99 13.78
C ASN A 720 31.22 -14.71 12.44
N GLU A 721 30.12 -15.41 12.18
CA GLU A 721 29.42 -15.26 10.92
C GLU A 721 28.81 -13.88 10.87
N ILE A 722 28.34 -13.41 12.01
CA ILE A 722 27.71 -12.11 12.06
C ILE A 722 28.72 -11.02 11.68
N ILE A 723 29.89 -11.06 12.32
CA ILE A 723 30.94 -10.09 12.07
C ILE A 723 31.38 -10.08 10.60
N GLU A 724 31.53 -11.27 10.02
CA GLU A 724 31.89 -11.36 8.61
C GLU A 724 30.80 -10.80 7.73
N HIS A 725 29.54 -11.09 8.08
CA HIS A 725 28.37 -10.56 7.35
C HIS A 725 28.35 -9.04 7.33
N SER A 726 28.84 -8.43 8.41
CA SER A 726 28.85 -6.98 8.50
C SER A 726 29.81 -6.36 7.48
N LYS A 727 30.69 -7.19 6.91
CA LYS A 727 31.66 -6.70 5.92
C LYS A 727 31.18 -6.84 4.48
N SER A 728 30.00 -7.42 4.28
CA SER A 728 29.41 -7.54 2.94
C SER A 728 29.12 -6.18 2.30
N PRO A 729 29.29 -6.08 0.97
CA PRO A 729 28.96 -4.85 0.25
C PRO A 729 27.46 -4.57 0.18
N TYR A 730 26.62 -5.58 0.39
CA TYR A 730 25.16 -5.40 0.24
C TYR A 730 24.51 -4.90 1.53
N PRO A 731 23.86 -3.73 1.49
CA PRO A 731 23.23 -3.20 2.72
C PRO A 731 22.23 -4.18 3.35
N SER A 732 21.50 -4.96 2.56
CA SER A 732 20.62 -5.96 3.16
C SER A 732 21.39 -6.87 4.11
N ASN A 733 22.61 -7.21 3.73
CA ASN A 733 23.46 -8.03 4.61
C ASN A 733 24.03 -7.23 5.79
N TRP A 734 24.66 -6.08 5.55
CA TRP A 734 25.33 -5.49 6.71
C TRP A 734 24.32 -4.84 7.67
N LEU A 735 23.14 -4.45 7.18
CA LEU A 735 22.11 -4.00 8.12
C LEU A 735 21.53 -5.18 8.91
N THR A 736 21.44 -6.35 8.27
CA THR A 736 21.00 -7.54 8.98
C THR A 736 22.00 -7.84 10.09
N SER A 737 23.29 -7.65 9.80
CA SER A 737 24.30 -7.95 10.80
C SER A 737 24.10 -7.07 12.04
N LEU A 738 23.66 -5.83 11.85
CA LEU A 738 23.34 -4.97 12.99
C LEU A 738 22.18 -5.56 13.81
N SER A 739 21.06 -5.87 13.15
CA SER A 739 19.91 -6.31 13.94
C SER A 739 20.14 -7.68 14.59
N VAL A 740 20.83 -8.61 13.93
CA VAL A 740 21.04 -9.92 14.58
C VAL A 740 22.11 -9.86 15.67
N SER A 741 22.96 -8.81 15.65
CA SER A 741 23.99 -8.65 16.70
C SER A 741 23.38 -8.17 18.01
N ALA A 742 22.10 -7.80 17.95
CA ALA A 742 21.36 -7.37 19.15
C ALA A 742 21.55 -8.34 20.31
N TYR A 743 21.72 -9.62 20.00
CA TYR A 743 21.82 -10.66 21.01
C TYR A 743 23.26 -10.85 21.52
N PHE A 744 24.15 -9.95 21.13
CA PHE A 744 25.57 -10.09 21.49
C PHE A 744 26.14 -8.77 22.00
N ASP A 745 27.29 -8.83 22.66
CA ASP A 745 27.85 -7.60 23.21
C ASP A 745 28.57 -6.80 22.14
N LYS A 746 28.46 -7.24 20.88
CA LYS A 746 29.05 -6.48 19.77
C LYS A 746 28.06 -5.53 19.13
N TYR A 747 26.83 -5.47 19.65
CA TYR A 747 25.77 -4.67 19.06
C TYR A 747 26.19 -3.21 18.84
N PHE A 748 26.69 -2.55 19.88
CA PHE A 748 26.99 -1.13 19.72
C PHE A 748 28.22 -0.88 18.85
N GLU A 749 29.12 -1.86 18.80
CA GLU A 749 30.22 -1.77 17.83
C GLU A 749 29.65 -1.78 16.40
N LEU A 750 28.67 -2.64 16.16
CA LEU A 750 28.06 -2.69 14.85
C LEU A 750 27.14 -1.51 14.61
N TYR A 751 26.48 -1.03 15.68
CA TYR A 751 25.69 0.20 15.63
C TYR A 751 26.53 1.34 15.05
N ASP A 752 27.71 1.58 15.63
CA ASP A 752 28.60 2.64 15.14
C ASP A 752 29.11 2.40 13.71
N LYS A 753 29.50 1.17 13.42
CA LYS A 753 30.02 0.86 12.09
C LYS A 753 28.99 1.11 11.00
N THR A 754 27.79 0.58 11.21
CA THR A 754 26.76 0.71 10.19
C THR A 754 26.20 2.14 10.16
N TYR A 755 26.21 2.85 11.29
CA TYR A 755 25.87 4.28 11.24
C TYR A 755 26.79 5.04 10.29
N LYS A 756 28.08 4.80 10.44
CA LYS A 756 29.09 5.44 9.59
C LYS A 756 28.90 5.09 8.11
N LEU A 757 28.50 3.86 7.82
CA LEU A 757 28.21 3.46 6.44
C LEU A 757 26.97 4.14 5.89
N SER A 758 26.04 4.49 6.78
CA SER A 758 24.73 4.98 6.35
C SER A 758 24.58 6.49 6.35
N LYS A 759 25.42 7.20 7.11
CA LYS A 759 25.06 8.57 7.46
C LYS A 759 25.13 9.56 6.29
N ASP A 760 25.79 9.19 5.19
CA ASP A 760 25.98 10.16 4.10
C ASP A 760 25.03 9.98 2.94
N ASP A 761 24.08 9.06 3.08
CA ASP A 761 23.00 8.88 2.12
C ASP A 761 21.66 8.97 2.84
N GLU A 762 20.85 9.95 2.45
CA GLU A 762 19.60 10.25 3.19
C GLU A 762 18.70 9.03 3.34
N LEU A 763 18.58 8.25 2.27
CA LEU A 763 17.68 7.11 2.30
C LEU A 763 18.30 5.93 3.05
N LEU A 764 19.61 5.74 2.88
CA LEU A 764 20.30 4.68 3.58
C LEU A 764 20.23 4.92 5.09
N LEU A 765 20.41 6.18 5.51
CA LEU A 765 20.32 6.51 6.93
C LEU A 765 18.92 6.19 7.47
N GLN A 766 17.89 6.41 6.64
CA GLN A 766 16.53 6.05 7.06
C GLN A 766 16.41 4.53 7.25
N GLU A 767 17.06 3.75 6.38
CA GLU A 767 17.03 2.31 6.52
C GLU A 767 17.79 1.89 7.77
N TRP A 768 18.86 2.61 8.08
CA TRP A 768 19.60 2.34 9.31
C TRP A 768 18.74 2.63 10.54
N LEU A 769 18.05 3.77 10.53
CA LEU A 769 17.09 4.08 11.61
C LEU A 769 16.07 2.95 11.80
N LYS A 770 15.51 2.47 10.71
CA LYS A 770 14.52 1.39 10.80
C LYS A 770 15.12 0.15 11.46
N THR A 771 16.36 -0.16 11.06
CA THR A 771 17.06 -1.34 11.58
C THR A 771 17.30 -1.22 13.09
N VAL A 772 17.68 -0.02 13.54
CA VAL A 772 17.84 0.22 14.97
C VAL A 772 16.50 0.13 15.69
N SER A 773 15.51 0.81 15.15
CA SER A 773 14.16 0.85 15.72
C SER A 773 13.60 -0.56 15.94
N ARG A 774 13.89 -1.45 15.00
CA ARG A 774 13.39 -2.80 15.04
C ARG A 774 14.28 -3.76 15.83
N SER A 775 15.44 -3.30 16.31
CA SER A 775 16.39 -4.17 17.00
C SER A 775 15.84 -4.82 18.26
N ASP A 776 16.07 -6.12 18.40
CA ASP A 776 15.54 -6.82 19.58
C ASP A 776 16.44 -6.58 20.80
N ARG A 777 16.31 -5.39 21.36
CA ARG A 777 17.18 -4.93 22.45
C ARG A 777 16.40 -4.70 23.75
N LYS A 778 16.97 -5.12 24.87
CA LYS A 778 16.34 -4.90 26.16
C LYS A 778 16.36 -3.41 26.50
N ASP A 779 17.40 -2.71 26.03
CA ASP A 779 17.53 -1.26 26.23
C ASP A 779 16.97 -0.43 25.06
N ILE A 780 15.99 -0.97 24.33
CA ILE A 780 15.48 -0.28 23.15
C ILE A 780 14.93 1.13 23.46
N TYR A 781 14.34 1.34 24.64
CA TYR A 781 13.82 2.68 24.96
C TYR A 781 14.94 3.71 25.10
N GLU A 782 16.02 3.32 25.76
CA GLU A 782 17.22 4.15 25.86
C GLU A 782 17.80 4.41 24.46
N ILE A 783 17.81 3.38 23.64
CA ILE A 783 18.32 3.52 22.27
C ILE A 783 17.45 4.50 21.47
N LEU A 784 16.13 4.40 21.64
CA LEU A 784 15.24 5.31 20.95
C LEU A 784 15.48 6.76 21.38
N LYS A 785 15.72 6.96 22.68
CA LYS A 785 16.01 8.30 23.18
C LYS A 785 17.29 8.84 22.55
N LYS A 786 18.26 7.96 22.33
CA LYS A 786 19.52 8.35 21.69
C LYS A 786 19.29 8.75 20.23
N LEU A 787 18.44 8.00 19.51
CA LEU A 787 18.16 8.34 18.12
C LEU A 787 17.52 9.71 18.06
N GLU A 788 16.60 9.96 18.98
CA GLU A 788 15.92 11.24 19.06
C GLU A 788 16.92 12.39 19.23
N ASN A 789 17.82 12.26 20.20
CA ASN A 789 18.75 13.35 20.50
C ASN A 789 19.86 13.52 19.47
N GLU A 790 20.28 12.43 18.84
CA GLU A 790 21.49 12.46 18.04
C GLU A 790 21.26 12.43 16.54
N VAL A 791 20.14 11.85 16.09
CA VAL A 791 19.90 11.73 14.66
C VAL A 791 18.60 12.38 14.18
N LEU A 792 17.48 12.02 14.80
CA LEU A 792 16.17 12.53 14.38
C LEU A 792 15.99 14.01 14.71
N LYS A 793 16.22 14.35 15.97
CA LYS A 793 16.05 15.73 16.43
C LYS A 793 14.64 16.24 16.07
N ASP A 794 14.54 17.46 15.56
CA ASP A 794 13.21 17.99 15.24
C ASP A 794 12.93 17.95 13.74
N SER A 795 13.48 16.96 13.04
CA SER A 795 13.12 16.72 11.63
C SER A 795 11.60 16.61 11.48
N LYS A 796 11.09 17.25 10.42
CA LYS A 796 9.68 17.15 10.04
C LYS A 796 9.55 16.26 8.80
N ASN A 797 10.62 15.58 8.44
CA ASN A 797 10.57 14.67 7.30
C ASN A 797 9.80 13.42 7.71
N PRO A 798 8.68 13.10 7.02
CA PRO A 798 7.88 11.93 7.40
C PRO A 798 8.69 10.66 7.33
N ASN A 799 9.57 10.50 6.33
CA ASN A 799 10.41 9.31 6.29
C ASN A 799 11.28 9.14 7.54
N ASP A 800 11.78 10.25 8.09
CA ASP A 800 12.63 10.18 9.30
C ASP A 800 11.80 9.73 10.51
N ILE A 801 10.67 10.41 10.70
CA ILE A 801 9.77 10.10 11.83
C ILE A 801 9.24 8.66 11.77
N ARG A 802 8.71 8.29 10.61
CA ARG A 802 8.23 6.92 10.45
C ARG A 802 9.34 5.89 10.65
N ALA A 803 10.55 6.18 10.17
CA ALA A 803 11.66 5.21 10.31
C ALA A 803 12.01 4.98 11.78
N VAL A 804 12.03 6.04 12.58
CA VAL A 804 12.44 5.92 13.97
C VAL A 804 11.40 5.16 14.81
N TYR A 805 10.12 5.40 14.56
CA TYR A 805 9.09 4.92 15.50
C TYR A 805 8.24 3.71 15.08
N LEU A 806 7.86 3.63 13.81
CA LEU A 806 6.99 2.52 13.40
C LEU A 806 7.59 1.10 13.58
N PRO A 807 8.86 0.89 13.19
CA PRO A 807 9.35 -0.49 13.37
C PRO A 807 9.34 -0.94 14.83
N PHE A 808 9.67 -0.01 15.72
CA PHE A 808 9.64 -0.31 17.13
C PHE A 808 8.25 -0.77 17.61
N THR A 809 7.18 -0.30 16.96
CA THR A 809 5.84 -0.66 17.43
C THR A 809 5.54 -2.13 17.12
N ASN A 810 6.36 -2.76 16.30
CA ASN A 810 6.20 -4.20 16.04
C ASN A 810 6.99 -5.05 17.02
N ASN A 811 7.69 -4.42 17.96
CA ASN A 811 8.38 -5.16 19.03
C ASN A 811 7.33 -5.65 20.03
N LEU A 812 6.99 -6.92 19.91
CA LEU A 812 5.84 -7.47 20.64
C LEU A 812 6.05 -7.36 22.16
N ARG A 813 7.22 -7.70 22.61
CA ARG A 813 7.49 -7.60 24.01
C ARG A 813 7.72 -6.24 24.57
N ARG A 814 8.34 -5.32 23.82
CA ARG A 814 8.72 -4.02 24.40
C ARG A 814 7.76 -2.87 24.14
N PHE A 815 7.25 -2.77 22.92
CA PHE A 815 6.24 -1.75 22.62
C PHE A 815 5.03 -1.94 23.54
N HIS A 816 4.69 -3.20 23.79
CA HIS A 816 3.54 -3.51 24.64
C HIS A 816 3.88 -3.69 26.11
N ASP A 817 4.95 -3.03 26.56
CA ASP A 817 5.32 -3.06 27.96
C ASP A 817 4.12 -2.70 28.84
N ILE A 818 3.87 -3.52 29.86
CA ILE A 818 2.64 -3.41 30.66
C ILE A 818 2.56 -2.10 31.43
N SER A 819 3.67 -1.36 31.52
CA SER A 819 3.63 -0.03 32.09
C SER A 819 2.87 0.94 31.20
N GLY A 820 2.75 0.60 29.92
CA GLY A 820 2.10 1.49 28.97
C GLY A 820 3.04 2.54 28.41
N LYS A 821 4.33 2.46 28.77
CA LYS A 821 5.27 3.49 28.34
C LYS A 821 5.52 3.54 26.82
N GLY A 822 5.37 2.42 26.10
CA GLY A 822 5.45 2.44 24.64
C GLY A 822 4.26 3.14 24.01
N TYR A 823 3.05 2.88 24.55
CA TYR A 823 1.85 3.58 24.12
C TYR A 823 1.97 5.09 24.37
N LYS A 824 2.51 5.45 25.53
CA LYS A 824 2.70 6.85 25.91
C LYS A 824 3.69 7.53 24.96
N LEU A 825 4.78 6.83 24.65
CA LEU A 825 5.78 7.37 23.74
C LEU A 825 5.18 7.63 22.35
N ILE A 826 4.51 6.63 21.76
CA ILE A 826 4.00 6.85 20.40
C ILE A 826 2.91 7.94 20.43
N ALA A 827 2.09 8.01 21.48
CA ALA A 827 1.06 9.05 21.53
C ALA A 827 1.69 10.46 21.59
N GLU A 828 2.80 10.60 22.30
CA GLU A 828 3.51 11.87 22.33
C GLU A 828 4.02 12.25 20.93
N VAL A 829 4.52 11.27 20.21
CA VAL A 829 5.03 11.51 18.87
C VAL A 829 3.85 11.89 17.94
N ILE A 830 2.72 11.20 18.11
CA ILE A 830 1.56 11.51 17.29
C ILE A 830 1.08 12.94 17.52
N THR A 831 0.95 13.32 18.78
CA THR A 831 0.47 14.68 19.11
C THR A 831 1.44 15.74 18.59
N LYS A 832 2.73 15.47 18.74
CA LYS A 832 3.76 16.40 18.28
C LYS A 832 3.71 16.56 16.76
N THR A 833 3.55 15.44 16.06
CA THR A 833 3.52 15.44 14.60
C THR A 833 2.24 16.11 14.09
N ASP A 834 1.16 15.99 14.87
CA ASP A 834 -0.13 16.52 14.45
C ASP A 834 -0.11 18.06 14.34
N LYS A 835 0.81 18.71 15.05
CA LYS A 835 0.95 20.16 14.96
C LYS A 835 1.29 20.62 13.54
N PHE A 836 2.04 19.80 12.78
CA PHE A 836 2.48 20.25 11.46
C PHE A 836 2.11 19.30 10.30
N ASN A 837 1.79 18.03 10.59
CA ASN A 837 1.38 17.15 9.51
C ASN A 837 0.32 16.15 9.97
N PRO A 838 -0.95 16.57 9.95
CA PRO A 838 -2.04 15.71 10.44
C PRO A 838 -2.14 14.35 9.72
N MET A 839 -1.87 14.34 8.42
CA MET A 839 -1.99 13.09 7.68
C MET A 839 -1.01 12.06 8.21
N VAL A 840 0.25 12.49 8.40
CA VAL A 840 1.28 11.56 8.89
C VAL A 840 1.07 11.26 10.38
N ALA A 841 0.56 12.22 11.16
CA ALA A 841 0.22 11.93 12.57
C ALA A 841 -0.79 10.78 12.64
N THR A 842 -1.75 10.76 11.72
CA THR A 842 -2.74 9.68 11.71
C THR A 842 -2.13 8.34 11.28
N GLN A 843 -1.16 8.38 10.37
CA GLN A 843 -0.45 7.15 10.00
C GLN A 843 0.25 6.58 11.23
N LEU A 844 0.77 7.46 12.10
CA LEU A 844 1.51 7.02 13.28
C LEU A 844 0.59 6.40 14.32
N CYS A 845 -0.71 6.56 14.14
CA CYS A 845 -1.71 5.87 14.97
C CYS A 845 -1.84 4.36 14.70
N GLU A 846 -1.22 3.88 13.63
CA GLU A 846 -1.42 2.49 13.20
C GLU A 846 -1.31 1.45 14.35
N PRO A 847 -0.33 1.59 15.27
CA PRO A 847 -0.26 0.63 16.37
C PRO A 847 -1.56 0.48 17.18
N PHE A 848 -2.31 1.56 17.32
CA PHE A 848 -3.50 1.55 18.17
C PHE A 848 -4.69 0.84 17.48
N LYS A 849 -4.55 0.46 16.20
CA LYS A 849 -5.72 -0.08 15.48
C LYS A 849 -6.25 -1.36 16.09
N LEU A 850 -5.37 -2.13 16.73
CA LEU A 850 -5.76 -3.38 17.37
C LEU A 850 -6.12 -3.27 18.86
N TRP A 851 -6.32 -2.05 19.36
CA TRP A 851 -6.39 -1.80 20.80
C TRP A 851 -7.42 -2.67 21.52
N ASN A 852 -8.59 -2.85 20.91
CA ASN A 852 -9.65 -3.57 21.62
C ASN A 852 -9.53 -5.07 21.46
N LYS A 853 -8.44 -5.54 20.85
CA LYS A 853 -8.19 -6.96 20.71
CA LYS A 853 -8.18 -6.96 20.70
C LYS A 853 -7.21 -7.50 21.75
N LEU A 854 -6.60 -6.60 22.51
CA LEU A 854 -5.59 -7.00 23.50
C LEU A 854 -6.23 -7.39 24.83
N ASP A 855 -5.41 -7.86 25.76
CA ASP A 855 -5.89 -8.16 27.12
C ASP A 855 -6.41 -6.88 27.80
N THR A 856 -7.31 -7.03 28.76
CA THR A 856 -8.04 -5.87 29.27
C THR A 856 -7.11 -4.78 29.83
N LYS A 857 -5.98 -5.16 30.41
CA LYS A 857 -5.08 -4.13 30.92
C LYS A 857 -4.49 -3.27 29.78
N ARG A 858 -4.09 -3.90 28.70
CA ARG A 858 -3.46 -3.17 27.60
C ARG A 858 -4.53 -2.40 26.83
N GLN A 859 -5.74 -2.94 26.78
CA GLN A 859 -6.86 -2.20 26.21
C GLN A 859 -7.02 -0.88 26.91
N GLU A 860 -7.05 -0.94 28.24
CA GLU A 860 -7.24 0.24 29.09
C GLU A 860 -6.09 1.25 28.91
N LEU A 861 -4.86 0.75 28.90
CA LEU A 861 -3.69 1.60 28.66
C LEU A 861 -3.72 2.33 27.31
N MET A 862 -4.03 1.58 26.25
CA MET A 862 -4.12 2.16 24.92
C MET A 862 -5.28 3.17 24.85
N LEU A 863 -6.43 2.81 25.41
CA LEU A 863 -7.57 3.71 25.39
C LEU A 863 -7.26 5.00 26.13
N ASN A 864 -6.58 4.92 27.27
CA ASN A 864 -6.20 6.13 28.00
CA ASN A 864 -6.19 6.11 28.00
C ASN A 864 -5.36 7.06 27.13
N GLU A 865 -4.38 6.51 26.42
CA GLU A 865 -3.54 7.37 25.57
C GLU A 865 -4.37 7.98 24.42
N MET A 866 -5.31 7.21 23.87
CA MET A 866 -6.10 7.73 22.75
C MET A 866 -7.03 8.84 23.24
N ASN A 867 -7.62 8.66 24.42
CA ASN A 867 -8.46 9.72 25.00
C ASN A 867 -7.63 10.94 25.35
N THR A 868 -6.39 10.71 25.78
CA THR A 868 -5.47 11.80 26.03
C THR A 868 -5.24 12.61 24.75
N MET A 869 -4.94 11.92 23.65
CA MET A 869 -4.75 12.60 22.37
C MET A 869 -6.03 13.34 21.95
N LEU A 870 -7.19 12.72 22.15
CA LEU A 870 -8.47 13.34 21.78
C LEU A 870 -8.76 14.63 22.57
N GLN A 871 -8.18 14.73 23.76
CA GLN A 871 -8.43 15.89 24.59
C GLN A 871 -7.49 17.06 24.29
N GLU A 872 -6.55 16.87 23.37
CA GLU A 872 -5.64 17.96 23.00
C GLU A 872 -6.43 19.06 22.32
N PRO A 873 -6.40 20.27 22.90
CA PRO A 873 -7.17 21.39 22.34
C PRO A 873 -6.91 21.65 20.85
N GLN A 874 -5.67 21.42 20.41
CA GLN A 874 -5.27 21.81 19.06
C GLN A 874 -5.31 20.63 18.08
N ILE A 875 -6.07 19.60 18.41
CA ILE A 875 -6.09 18.40 17.58
C ILE A 875 -6.63 18.67 16.18
N SER A 876 -5.96 18.11 15.18
CA SER A 876 -6.40 18.26 13.81
C SER A 876 -7.74 17.59 13.52
N ASN A 877 -8.37 18.00 12.42
CA ASN A 877 -9.54 17.29 11.94
C ASN A 877 -9.27 15.81 11.63
N ASN A 878 -8.12 15.56 11.00
CA ASN A 878 -7.71 14.19 10.66
C ASN A 878 -7.65 13.30 11.87
N LEU A 879 -6.86 13.73 12.85
CA LEU A 879 -6.57 12.90 13.99
C LEU A 879 -7.82 12.71 14.84
N LYS A 880 -8.60 13.77 14.99
CA LYS A 880 -9.80 13.69 15.82
C LYS A 880 -10.78 12.67 15.23
N GLU A 881 -10.98 12.77 13.93
CA GLU A 881 -11.95 11.98 13.21
C GLU A 881 -11.61 10.51 13.32
N TYR A 882 -10.32 10.24 13.09
CA TYR A 882 -9.77 8.91 13.12
C TYR A 882 -9.91 8.30 14.50
N LEU A 883 -9.46 9.05 15.51
CA LEU A 883 -9.49 8.50 16.86
C LEU A 883 -10.91 8.34 17.39
N LEU A 884 -11.81 9.21 16.96
CA LEU A 884 -13.21 9.07 17.34
C LEU A 884 -13.79 7.76 16.77
N ARG A 885 -13.54 7.49 15.50
CA ARG A 885 -13.97 6.22 14.91
C ARG A 885 -13.29 5.02 15.57
N LEU A 886 -12.00 5.15 15.87
CA LEU A 886 -11.26 4.03 16.41
C LEU A 886 -11.69 3.66 17.84
N THR A 887 -12.08 4.67 18.62
CA THR A 887 -12.52 4.42 19.99
C THR A 887 -14.03 4.23 20.10
N ASN A 888 -14.71 4.12 18.97
CA ASN A 888 -16.15 3.88 18.99
C ASN A 888 -16.90 4.94 19.80
N LYS A 889 -16.67 6.21 19.52
CA LYS A 889 -17.43 7.25 20.21
C LYS A 889 -18.50 7.83 19.30
#